data_7W9J
#
_entry.id   7W9J
#
_cell.length_a   58.295
_cell.length_b   121.827
_cell.length_c   148.689
_cell.angle_alpha   90.000
_cell.angle_beta   90.000
_cell.angle_gamma   90.000
#
_symmetry.space_group_name_H-M   'P 21 21 21'
#
loop_
_entity.id
_entity.type
_entity.pdbx_description
1 polymer 'Bifunctional cytochrome P450/NADPH--P450 reductase'
2 non-polymer 'Oxomolybdenum Mesoporphyrin IX'
3 non-polymer N-[(3S)-2-oxooxolan-3-yl]dodecanamide
4 non-polymer GLYCEROL
5 water water
#
_entity_poly.entity_id   1
_entity_poly.type   'polypeptide(L)'
_entity_poly.pdbx_seq_one_letter_code
;MTIKEMPQPKTFGELKNLPLLNTDKPVQALMKIADELGEIFKFEAPGRVTRYLSSQRLIKEACDESRFDKNLSQALKFVR
DFAGDGLFTSWTHEKNWKKAHNILLPSFSQQAMKGYHAMMVDIAVQLVQKWERLNADEHIEVPEDMTRLTLDTIGLCGFN
YRFNSFYRDQPHPFITSMVRALDEAMNKLQRANPDDPAYDENKRQFQEDIKVMNDLVDKIIADRKASGEQSDDLLTHMLN
GKDPETGEPLDDENIRYQIITFLIAGHETTSGLLSFALYFLVKNPHVLQKAAEEAARVLVDPVPSYKQVKQLKYVGMVLN
EALRLWPTAPAFSLYAKEDTVLGGEYPLEKGDELMVLIPQLHRDKTIWGDDVEEFRPERFENPSAIPQHAFKPFGNGQRA
CIGQQFALHEATLVLGMMLKHFDFEDHTNYELDIKETLTLKPEGFVVKAKSKKIPL
;
_entity_poly.pdbx_strand_id   A,B
#
loop_
_chem_comp.id
_chem_comp.type
_chem_comp.name
_chem_comp.formula
EWM non-polymer N-[(3S)-2-oxooxolan-3-yl]dodecanamide 'C16 H29 N O3'
GOL non-polymer GLYCEROL 'C3 H8 O3'
MI9 non-polymer 'Oxomolybdenum Mesoporphyrin IX' 'C34 H36 Mo N4 O5'
#
# COMPACT_ATOMS: atom_id res chain seq x y z
N ILE A 3 -27.49 53.98 -10.44
CA ILE A 3 -27.85 52.66 -11.06
C ILE A 3 -26.97 52.47 -12.31
N LYS A 4 -26.20 51.38 -12.35
CA LYS A 4 -25.23 51.06 -13.43
C LYS A 4 -25.65 49.76 -14.13
N GLU A 5 -25.29 49.63 -15.41
CA GLU A 5 -25.34 48.35 -16.17
C GLU A 5 -24.04 47.58 -15.90
N MET A 6 -24.10 46.30 -15.56
CA MET A 6 -22.87 45.53 -15.25
C MET A 6 -22.29 44.98 -16.54
N PRO A 7 -20.96 44.84 -16.63
CA PRO A 7 -20.35 44.28 -17.83
C PRO A 7 -20.69 42.79 -17.99
N GLN A 8 -20.40 42.25 -19.16
CA GLN A 8 -20.66 40.86 -19.56
C GLN A 8 -19.52 40.40 -20.44
N PRO A 9 -18.96 39.18 -20.21
CA PRO A 9 -17.91 38.67 -21.09
C PRO A 9 -18.46 38.30 -22.47
N LYS A 10 -17.56 37.94 -23.36
CA LYS A 10 -17.86 37.65 -24.78
C LYS A 10 -18.92 36.57 -24.88
N THR A 11 -19.79 36.70 -25.87
CA THR A 11 -20.96 35.84 -26.12
C THR A 11 -20.69 35.04 -27.40
N PHE A 12 -21.52 34.01 -27.58
CA PHE A 12 -21.44 32.99 -28.65
C PHE A 12 -22.83 32.83 -29.26
N GLY A 13 -23.40 33.93 -29.76
CA GLY A 13 -24.79 34.02 -30.24
C GLY A 13 -25.76 33.40 -29.24
N GLU A 14 -26.53 32.43 -29.69
CA GLU A 14 -27.66 31.83 -28.94
C GLU A 14 -27.12 31.09 -27.71
N LEU A 15 -25.86 30.67 -27.68
CA LEU A 15 -25.27 29.98 -26.49
C LEU A 15 -24.85 31.00 -25.42
N LYS A 16 -24.95 32.29 -25.73
CA LYS A 16 -24.64 33.40 -24.79
C LYS A 16 -23.22 33.17 -24.24
N ASN A 17 -23.05 33.08 -22.92
CA ASN A 17 -21.70 32.90 -22.32
C ASN A 17 -21.34 31.42 -22.12
N LEU A 18 -22.27 30.47 -22.38
CA LEU A 18 -22.09 29.05 -21.97
C LEU A 18 -20.74 28.50 -22.42
N PRO A 19 -20.30 28.72 -23.70
CA PRO A 19 -19.03 28.13 -24.16
C PRO A 19 -17.77 28.58 -23.41
N LEU A 20 -17.83 29.65 -22.62
CA LEU A 20 -16.71 30.06 -21.74
C LEU A 20 -16.43 28.97 -20.69
N LEU A 21 -17.42 28.14 -20.35
CA LEU A 21 -17.25 26.99 -19.41
C LEU A 21 -16.71 25.75 -20.12
N ASN A 22 -16.57 25.78 -21.44
CA ASN A 22 -16.08 24.62 -22.22
C ASN A 22 -14.55 24.59 -22.14
N THR A 23 -14.04 24.27 -20.96
CA THR A 23 -12.60 24.27 -20.62
C THR A 23 -12.46 23.35 -19.41
N ASP A 24 -11.31 22.72 -19.20
CA ASP A 24 -11.15 21.87 -18.00
C ASP A 24 -10.81 22.77 -16.80
N LYS A 25 -10.64 24.09 -16.99
CA LYS A 25 -10.33 25.05 -15.89
C LYS A 25 -11.31 26.23 -15.88
N PRO A 26 -12.61 25.98 -15.64
CA PRO A 26 -13.60 27.07 -15.71
C PRO A 26 -13.43 28.15 -14.64
N VAL A 27 -13.05 27.78 -13.43
CA VAL A 27 -12.89 28.80 -12.34
C VAL A 27 -11.73 29.73 -12.70
N GLN A 28 -10.62 29.18 -13.18
CA GLN A 28 -9.45 29.99 -13.58
C GLN A 28 -9.84 30.91 -14.75
N ALA A 29 -10.66 30.43 -15.68
CA ALA A 29 -11.23 31.24 -16.78
C ALA A 29 -12.05 32.40 -16.22
N LEU A 30 -12.93 32.15 -15.24
CA LEU A 30 -13.80 33.18 -14.62
C LEU A 30 -12.96 34.18 -13.83
N MET A 31 -11.84 33.75 -13.22
CA MET A 31 -10.92 34.67 -12.52
C MET A 31 -10.31 35.67 -13.54
N LYS A 32 -9.88 35.18 -14.70
CA LYS A 32 -9.30 36.05 -15.76
C LYS A 32 -10.38 37.03 -16.26
N ILE A 33 -11.64 36.58 -16.38
CA ILE A 33 -12.77 37.46 -16.76
C ILE A 33 -12.97 38.54 -15.69
N ALA A 34 -12.93 38.17 -14.42
CA ALA A 34 -13.04 39.14 -13.29
C ALA A 34 -11.90 40.17 -13.36
N ASP A 35 -10.67 39.76 -13.63
CA ASP A 35 -9.51 40.68 -13.75
C ASP A 35 -9.81 41.73 -14.85
N GLU A 36 -10.43 41.30 -15.95
CA GLU A 36 -10.71 42.18 -17.11
C GLU A 36 -11.93 43.07 -16.82
N LEU A 37 -13.00 42.53 -16.24
CA LEU A 37 -14.31 43.23 -16.15
C LEU A 37 -14.52 43.88 -14.78
N GLY A 38 -13.84 43.42 -13.72
CA GLY A 38 -13.89 44.03 -12.38
C GLY A 38 -14.83 43.32 -11.43
N GLU A 39 -15.43 44.07 -10.51
CA GLU A 39 -16.02 43.52 -9.24
C GLU A 39 -17.31 42.74 -9.51
N ILE A 40 -17.96 42.96 -10.66
CA ILE A 40 -19.26 42.31 -10.95
C ILE A 40 -19.40 42.12 -12.46
N PHE A 41 -19.86 40.95 -12.88
CA PHE A 41 -20.20 40.72 -14.30
C PHE A 41 -21.35 39.74 -14.40
N LYS A 42 -22.18 39.92 -15.43
CA LYS A 42 -23.32 39.06 -15.79
C LYS A 42 -22.79 37.84 -16.55
N PHE A 43 -23.25 36.64 -16.19
CA PHE A 43 -22.93 35.40 -16.93
C PHE A 43 -24.26 34.76 -17.31
N GLU A 44 -24.52 34.67 -18.62
CA GLU A 44 -25.79 34.11 -19.15
C GLU A 44 -25.51 32.81 -19.90
N ALA A 45 -26.33 31.80 -19.65
CA ALA A 45 -26.42 30.55 -20.43
C ALA A 45 -27.88 30.41 -20.85
N PRO A 46 -28.22 29.58 -21.87
CA PRO A 46 -29.61 29.34 -22.18
C PRO A 46 -30.32 28.93 -20.88
N GLY A 47 -31.32 29.72 -20.50
CA GLY A 47 -32.23 29.41 -19.39
C GLY A 47 -31.70 29.83 -18.03
N ARG A 48 -30.57 30.55 -17.93
CA ARG A 48 -30.09 30.99 -16.59
C ARG A 48 -29.19 32.22 -16.69
N VAL A 49 -29.22 32.99 -15.62
CA VAL A 49 -28.34 34.18 -15.43
C VAL A 49 -27.74 34.08 -14.04
N THR A 50 -26.46 34.40 -13.89
CA THR A 50 -25.89 34.64 -12.54
C THR A 50 -24.94 35.83 -12.62
N ARG A 51 -24.68 36.45 -11.49
CA ARG A 51 -23.81 37.64 -11.41
C ARG A 51 -22.62 37.21 -10.56
N TYR A 52 -21.43 37.25 -11.13
CA TYR A 52 -20.14 36.90 -10.47
C TYR A 52 -19.61 38.13 -9.74
N LEU A 53 -19.47 38.02 -8.43
CA LEU A 53 -18.95 39.06 -7.52
C LEU A 53 -17.51 38.73 -7.13
N SER A 54 -16.65 39.75 -7.11
CA SER A 54 -15.19 39.64 -6.84
C SER A 54 -14.72 40.67 -5.79
N SER A 55 -15.51 41.66 -5.40
CA SER A 55 -15.04 42.71 -4.44
C SER A 55 -15.62 42.43 -3.07
N GLN A 56 -14.85 42.73 -2.02
CA GLN A 56 -15.35 42.70 -0.64
C GLN A 56 -16.52 43.69 -0.49
N ARG A 57 -16.51 44.82 -1.20
CA ARG A 57 -17.56 45.86 -1.14
C ARG A 57 -18.92 45.21 -1.44
N LEU A 58 -19.01 44.39 -2.49
CA LEU A 58 -20.29 43.76 -2.89
C LEU A 58 -20.52 42.45 -2.12
N ILE A 59 -19.47 41.66 -1.88
CA ILE A 59 -19.63 40.34 -1.23
C ILE A 59 -20.08 40.55 0.23
N LYS A 60 -19.69 41.63 0.89
CA LYS A 60 -20.15 41.87 2.29
C LYS A 60 -21.67 42.04 2.30
N GLU A 61 -22.25 42.61 1.24
CA GLU A 61 -23.72 42.74 1.12
C GLU A 61 -24.34 41.38 0.82
N ALA A 62 -23.76 40.62 -0.11
CA ALA A 62 -24.26 39.28 -0.50
C ALA A 62 -24.29 38.36 0.73
N CYS A 63 -23.39 38.60 1.70
CA CYS A 63 -23.27 37.75 2.93
C CYS A 63 -24.27 38.17 4.01
N ASP A 64 -25.10 39.18 3.74
CA ASP A 64 -26.21 39.59 4.64
C ASP A 64 -27.32 38.55 4.52
N GLU A 65 -27.49 37.72 5.54
CA GLU A 65 -28.43 36.58 5.53
C GLU A 65 -29.88 37.07 5.57
N SER A 66 -30.12 38.33 5.97
CA SER A 66 -31.49 38.91 5.95
C SER A 66 -31.89 39.23 4.49
N ARG A 67 -30.93 39.30 3.56
CA ARG A 67 -31.23 39.72 2.16
C ARG A 67 -30.96 38.57 1.16
N PHE A 68 -30.03 37.67 1.47
CA PHE A 68 -29.57 36.59 0.55
C PHE A 68 -29.48 35.27 1.31
N ASP A 69 -29.86 34.19 0.66
CA ASP A 69 -29.74 32.82 1.21
C ASP A 69 -28.89 31.99 0.25
N LYS A 70 -28.33 30.87 0.71
CA LYS A 70 -27.58 29.94 -0.16
C LYS A 70 -28.46 29.48 -1.31
N ASN A 71 -27.90 29.52 -2.51
CA ASN A 71 -28.49 29.00 -3.76
C ASN A 71 -27.79 27.69 -4.11
N LEU A 72 -28.52 26.72 -4.68
CA LEU A 72 -27.85 25.59 -5.38
C LEU A 72 -27.51 26.10 -6.78
N SER A 73 -26.23 26.38 -6.99
CA SER A 73 -25.67 26.72 -8.32
C SER A 73 -25.95 25.55 -9.25
N GLN A 74 -25.78 25.73 -10.56
CA GLN A 74 -25.95 24.62 -11.51
C GLN A 74 -25.04 23.45 -11.08
N ALA A 75 -23.80 23.72 -10.65
CA ALA A 75 -22.84 22.71 -10.17
C ALA A 75 -23.44 21.89 -9.02
N LEU A 76 -24.04 22.53 -8.02
CA LEU A 76 -24.59 21.80 -6.86
C LEU A 76 -25.82 20.99 -7.27
N LYS A 77 -26.60 21.47 -8.24
CA LYS A 77 -27.79 20.74 -8.72
C LYS A 77 -27.33 19.41 -9.32
N PHE A 78 -26.19 19.40 -10.00
CA PHE A 78 -25.62 18.18 -10.61
C PHE A 78 -25.06 17.29 -9.50
N VAL A 79 -24.39 17.87 -8.49
CA VAL A 79 -23.83 17.09 -7.35
C VAL A 79 -24.97 16.46 -6.55
N ARG A 80 -26.14 17.11 -6.51
CA ARG A 80 -27.33 16.60 -5.77
C ARG A 80 -27.79 15.25 -6.34
N ASP A 81 -27.46 14.93 -7.60
CA ASP A 81 -27.81 13.61 -8.19
C ASP A 81 -27.17 12.47 -7.36
N PHE A 82 -26.02 12.69 -6.69
CA PHE A 82 -25.44 11.66 -5.79
C PHE A 82 -25.41 12.09 -4.32
N ALA A 83 -25.44 13.40 -4.02
CA ALA A 83 -25.36 13.89 -2.63
C ALA A 83 -26.74 14.20 -2.06
N GLY A 84 -27.79 14.14 -2.88
CA GLY A 84 -29.19 14.29 -2.42
C GLY A 84 -29.40 15.52 -1.53
N ASP A 85 -30.14 15.35 -0.44
CA ASP A 85 -30.41 16.46 0.51
C ASP A 85 -29.49 16.33 1.72
N GLY A 86 -28.25 15.90 1.50
CA GLY A 86 -27.16 16.08 2.47
C GLY A 86 -26.94 17.56 2.76
N LEU A 87 -26.10 17.86 3.73
CA LEU A 87 -25.93 19.25 4.22
C LEU A 87 -25.48 20.18 3.11
N PHE A 88 -24.64 19.71 2.18
CA PHE A 88 -23.97 20.58 1.17
C PHE A 88 -24.98 20.95 0.08
N THR A 89 -25.88 20.03 -0.30
CA THR A 89 -26.71 20.16 -1.53
C THR A 89 -28.19 20.31 -1.15
N SER A 90 -28.49 20.66 0.10
CA SER A 90 -29.88 20.94 0.54
C SER A 90 -30.14 22.46 0.56
N TRP A 91 -31.37 22.86 0.29
CA TRP A 91 -31.80 24.26 0.45
C TRP A 91 -31.99 24.52 1.95
N THR A 92 -31.77 25.75 2.38
CA THR A 92 -31.91 26.15 3.81
C THR A 92 -33.34 25.86 4.29
N HIS A 93 -34.32 25.98 3.41
CA HIS A 93 -35.76 25.83 3.77
C HIS A 93 -36.18 24.35 3.76
N GLU A 94 -35.34 23.40 3.32
CA GLU A 94 -35.70 21.96 3.40
C GLU A 94 -35.56 21.53 4.86
N LYS A 95 -36.57 20.83 5.36
CA LYS A 95 -36.58 20.31 6.75
C LYS A 95 -35.28 19.57 7.05
N ASN A 96 -34.77 18.77 6.11
CA ASN A 96 -33.57 17.92 6.34
C ASN A 96 -32.29 18.74 6.46
N TRP A 97 -32.23 19.97 5.95
CA TRP A 97 -31.04 20.85 6.18
C TRP A 97 -30.95 21.17 7.67
N LYS A 98 -31.98 21.79 8.23
CA LYS A 98 -31.92 22.29 9.63
C LYS A 98 -31.82 21.09 10.57
N LYS A 99 -32.52 19.99 10.29
CA LYS A 99 -32.48 18.78 11.15
C LYS A 99 -31.04 18.25 11.23
N ALA A 100 -30.41 18.00 10.08
CA ALA A 100 -29.04 17.47 10.00
C ALA A 100 -28.06 18.48 10.62
N HIS A 101 -28.26 19.77 10.35
CA HIS A 101 -27.39 20.85 10.90
C HIS A 101 -27.43 20.81 12.43
N ASN A 102 -28.63 20.77 13.00
CA ASN A 102 -28.80 20.77 14.48
C ASN A 102 -28.21 19.49 15.08
N ILE A 103 -28.38 18.35 14.45
CA ILE A 103 -27.92 17.05 15.00
C ILE A 103 -26.39 17.01 14.94
N LEU A 104 -25.80 17.49 13.84
CA LEU A 104 -24.36 17.25 13.57
C LEU A 104 -23.45 18.37 14.08
N LEU A 105 -23.98 19.57 14.34
CA LEU A 105 -23.13 20.74 14.69
C LEU A 105 -22.27 20.44 15.90
N PRO A 106 -22.82 19.87 16.99
CA PRO A 106 -22.01 19.57 18.18
C PRO A 106 -20.89 18.54 17.94
N SER A 107 -20.99 17.70 16.89
CA SER A 107 -19.92 16.75 16.47
C SER A 107 -18.72 17.48 15.84
N PHE A 108 -18.84 18.79 15.57
CA PHE A 108 -17.89 19.53 14.68
C PHE A 108 -17.37 20.79 15.35
N SER A 109 -17.60 20.97 16.65
CA SER A 109 -17.11 22.12 17.43
C SER A 109 -15.61 21.96 17.65
N GLN A 110 -14.93 23.03 18.07
CA GLN A 110 -13.50 22.97 18.47
C GLN A 110 -13.34 21.94 19.59
N GLN A 111 -14.26 21.89 20.55
CA GLN A 111 -14.26 20.92 21.68
C GLN A 111 -14.24 19.48 21.12
N ALA A 112 -15.08 19.18 20.11
CA ALA A 112 -15.24 17.79 19.58
C ALA A 112 -13.92 17.29 18.99
N MET A 113 -13.07 18.22 18.55
CA MET A 113 -11.77 17.92 17.90
C MET A 113 -10.89 17.11 18.86
N LYS A 114 -11.01 17.32 20.18
CA LYS A 114 -10.24 16.51 21.18
C LYS A 114 -10.52 15.01 21.01
N GLY A 115 -11.76 14.64 20.72
CA GLY A 115 -12.15 13.24 20.48
C GLY A 115 -11.62 12.67 19.19
N TYR A 116 -11.52 13.46 18.13
CA TYR A 116 -11.05 12.96 16.80
C TYR A 116 -9.53 12.86 16.78
N HIS A 117 -8.86 13.62 17.65
CA HIS A 117 -7.39 13.83 17.58
C HIS A 117 -6.61 12.51 17.43
N ALA A 118 -6.89 11.51 18.28
CA ALA A 118 -6.12 10.24 18.32
C ALA A 118 -6.24 9.55 16.95
N MET A 119 -7.41 9.56 16.32
CA MET A 119 -7.63 8.90 15.01
C MET A 119 -6.94 9.70 13.88
N MET A 120 -6.92 11.02 13.97
CA MET A 120 -6.19 11.87 13.00
C MET A 120 -4.69 11.52 13.07
N VAL A 121 -4.16 11.38 14.28
CA VAL A 121 -2.74 11.01 14.50
C VAL A 121 -2.46 9.64 13.86
N ASP A 122 -3.37 8.69 13.97
CA ASP A 122 -3.24 7.33 13.42
C ASP A 122 -2.91 7.45 11.93
N ILE A 123 -3.70 8.23 11.20
CA ILE A 123 -3.52 8.37 9.72
C ILE A 123 -2.28 9.21 9.44
N ALA A 124 -2.04 10.29 10.20
CA ALA A 124 -0.87 11.17 10.02
C ALA A 124 0.43 10.36 10.18
N VAL A 125 0.49 9.50 11.19
CA VAL A 125 1.67 8.62 11.42
C VAL A 125 1.86 7.69 10.21
N GLN A 126 0.78 7.19 9.61
CA GLN A 126 0.89 6.33 8.41
C GLN A 126 1.54 7.13 7.26
N LEU A 127 1.15 8.39 7.08
CA LEU A 127 1.77 9.23 6.03
C LEU A 127 3.27 9.41 6.32
N VAL A 128 3.64 9.79 7.55
CA VAL A 128 5.05 10.02 7.91
C VAL A 128 5.84 8.72 7.71
N GLN A 129 5.30 7.58 8.15
CA GLN A 129 5.98 6.26 7.99
C GLN A 129 6.16 5.97 6.49
N LYS A 130 5.15 6.21 5.66
CA LYS A 130 5.30 6.00 4.20
C LYS A 130 6.54 6.76 3.69
N TRP A 131 6.66 8.04 4.02
CA TRP A 131 7.72 8.93 3.48
C TRP A 131 9.07 8.55 4.12
N GLU A 132 9.09 8.20 5.40
CA GLU A 132 10.35 7.69 6.04
C GLU A 132 10.87 6.45 5.32
N ARG A 133 10.01 5.65 4.68
CA ARG A 133 10.34 4.33 4.13
C ARG A 133 10.70 4.43 2.66
N LEU A 134 10.67 5.63 2.07
CA LEU A 134 11.07 5.83 0.67
C LEU A 134 12.60 5.64 0.55
N ASN A 135 13.04 5.14 -0.59
CA ASN A 135 14.49 4.98 -0.84
C ASN A 135 15.04 6.32 -1.36
N ALA A 136 16.37 6.48 -1.30
CA ALA A 136 17.10 7.60 -1.94
C ALA A 136 16.63 7.73 -3.39
N ASP A 137 16.44 8.96 -3.86
CA ASP A 137 16.11 9.24 -5.29
C ASP A 137 14.67 8.84 -5.63
N GLU A 138 13.84 8.48 -4.64
CA GLU A 138 12.39 8.30 -4.90
C GLU A 138 11.71 9.64 -4.61
N HIS A 139 10.56 9.88 -5.21
CA HIS A 139 9.83 11.15 -5.00
C HIS A 139 8.43 10.85 -4.42
N ILE A 140 7.80 11.90 -3.94
CA ILE A 140 6.42 11.91 -3.39
C ILE A 140 5.49 12.50 -4.45
N GLU A 141 4.37 11.80 -4.71
CA GLU A 141 3.22 12.34 -5.48
C GLU A 141 2.31 13.04 -4.48
N VAL A 142 2.40 14.36 -4.39
CA VAL A 142 1.83 15.12 -3.24
C VAL A 142 0.30 15.01 -3.20
N PRO A 143 -0.45 15.43 -4.24
CA PRO A 143 -1.91 15.38 -4.13
C PRO A 143 -2.43 13.94 -3.92
N GLU A 144 -1.76 12.94 -4.52
CA GLU A 144 -2.12 11.50 -4.39
C GLU A 144 -1.99 11.12 -2.92
N ASP A 145 -0.88 11.44 -2.27
CA ASP A 145 -0.69 11.07 -0.85
C ASP A 145 -1.61 11.92 0.06
N MET A 146 -1.83 13.18 -0.26
CA MET A 146 -2.73 14.02 0.57
C MET A 146 -4.16 13.46 0.46
N THR A 147 -4.60 12.99 -0.71
CA THR A 147 -5.93 12.35 -0.87
C THR A 147 -5.99 11.09 -0.03
N ARG A 148 -4.93 10.27 -0.03
CA ARG A 148 -4.88 9.04 0.79
C ARG A 148 -5.13 9.47 2.24
N LEU A 149 -4.42 10.51 2.67
CA LEU A 149 -4.50 10.94 4.08
C LEU A 149 -5.91 11.47 4.41
N THR A 150 -6.45 12.40 3.63
CA THR A 150 -7.68 13.15 4.02
C THR A 150 -8.87 12.19 3.93
N LEU A 151 -8.91 11.32 2.93
CA LEU A 151 -9.99 10.31 2.80
C LEU A 151 -9.96 9.37 3.99
N ASP A 152 -8.79 8.84 4.34
CA ASP A 152 -8.67 7.88 5.46
C ASP A 152 -9.08 8.58 6.76
N THR A 153 -8.72 9.83 6.95
CA THR A 153 -9.02 10.59 8.21
C THR A 153 -10.53 10.71 8.38
N ILE A 154 -11.25 11.16 7.35
CA ILE A 154 -12.72 11.35 7.47
C ILE A 154 -13.37 9.97 7.59
N GLY A 155 -12.87 8.94 6.88
CA GLY A 155 -13.43 7.57 6.97
C GLY A 155 -13.34 7.04 8.41
N LEU A 156 -12.20 7.23 9.05
CA LEU A 156 -11.92 6.66 10.39
C LEU A 156 -12.64 7.49 11.45
N CYS A 157 -12.40 8.80 11.46
CA CYS A 157 -12.99 9.74 12.46
C CYS A 157 -14.51 9.74 12.33
N GLY A 158 -15.02 9.73 11.11
CA GLY A 158 -16.45 9.89 10.87
C GLY A 158 -17.21 8.61 11.12
N PHE A 159 -16.73 7.47 10.59
CA PHE A 159 -17.52 6.24 10.43
C PHE A 159 -16.79 4.99 10.97
N ASN A 160 -15.62 5.17 11.58
CA ASN A 160 -14.81 4.03 12.09
C ASN A 160 -14.58 3.04 10.93
N TYR A 161 -14.38 3.54 9.72
CA TYR A 161 -14.15 2.70 8.51
C TYR A 161 -12.75 3.02 7.98
N ARG A 162 -11.96 1.98 7.73
CA ARG A 162 -10.57 2.12 7.24
C ARG A 162 -10.55 1.91 5.73
N PHE A 163 -10.34 2.98 4.96
CA PHE A 163 -10.11 2.86 3.49
C PHE A 163 -8.73 2.21 3.23
N ASN A 164 -7.82 2.31 4.19
CA ASN A 164 -6.46 1.68 4.07
C ASN A 164 -5.82 2.14 2.76
N SER A 165 -5.94 3.44 2.47
CA SER A 165 -5.46 4.07 1.22
C SER A 165 -3.93 3.92 1.08
N PHE A 166 -3.21 3.86 2.18
CA PHE A 166 -1.73 3.76 2.15
C PHE A 166 -1.27 2.32 1.89
N TYR A 167 -2.19 1.36 1.74
CA TYR A 167 -1.90 -0.07 1.42
C TYR A 167 -2.17 -0.32 -0.05
N ARG A 168 -2.45 0.74 -0.82
CA ARG A 168 -2.84 0.69 -2.24
C ARG A 168 -1.98 1.68 -3.04
N ASP A 169 -1.46 1.27 -4.19
CA ASP A 169 -0.70 2.21 -5.07
C ASP A 169 -1.59 2.62 -6.24
N GLN A 170 -2.64 1.83 -6.57
CA GLN A 170 -3.76 2.21 -7.47
C GLN A 170 -4.93 2.67 -6.60
N PRO A 171 -5.72 3.69 -7.03
CA PRO A 171 -6.76 4.27 -6.17
C PRO A 171 -7.85 3.27 -5.71
N HIS A 172 -8.40 3.48 -4.51
CA HIS A 172 -9.53 2.70 -3.94
C HIS A 172 -10.70 2.76 -4.93
N PRO A 173 -11.42 1.64 -5.21
CA PRO A 173 -12.50 1.67 -6.20
C PRO A 173 -13.58 2.73 -5.89
N PHE A 174 -13.90 2.90 -4.61
CA PHE A 174 -14.84 3.92 -4.10
C PHE A 174 -14.37 5.32 -4.52
N ILE A 175 -13.08 5.61 -4.36
CA ILE A 175 -12.50 6.96 -4.66
C ILE A 175 -12.51 7.19 -6.19
N THR A 176 -12.28 6.15 -7.00
CA THR A 176 -12.35 6.26 -8.48
C THR A 176 -13.75 6.77 -8.84
N SER A 177 -14.79 6.12 -8.32
CA SER A 177 -16.22 6.48 -8.54
C SER A 177 -16.51 7.88 -8.01
N MET A 178 -16.03 8.24 -6.81
CA MET A 178 -16.29 9.56 -6.18
C MET A 178 -15.74 10.65 -7.11
N VAL A 179 -14.50 10.48 -7.56
CA VAL A 179 -13.76 11.51 -8.36
C VAL A 179 -14.44 11.65 -9.73
N ARG A 180 -14.88 10.53 -10.31
CA ARG A 180 -15.49 10.50 -11.67
C ARG A 180 -16.89 11.12 -11.58
N ALA A 181 -17.61 10.87 -10.47
CA ALA A 181 -18.95 11.45 -10.21
C ALA A 181 -18.81 12.97 -10.13
N LEU A 182 -17.85 13.48 -9.35
CA LEU A 182 -17.53 14.92 -9.25
C LEU A 182 -17.19 15.49 -10.63
N ASP A 183 -16.38 14.77 -11.40
CA ASP A 183 -15.88 15.24 -12.72
C ASP A 183 -17.07 15.32 -13.68
N GLU A 184 -17.96 14.33 -13.64
CA GLU A 184 -19.18 14.31 -14.48
C GLU A 184 -20.06 15.51 -14.11
N ALA A 185 -20.22 15.82 -12.83
CA ALA A 185 -21.01 17.00 -12.39
C ALA A 185 -20.43 18.27 -13.03
N MET A 186 -19.10 18.45 -12.99
CA MET A 186 -18.46 19.65 -13.58
C MET A 186 -18.62 19.63 -15.11
N ASN A 187 -18.51 18.45 -15.72
CA ASN A 187 -18.53 18.30 -17.20
C ASN A 187 -19.94 18.67 -17.71
N LYS A 188 -20.99 18.30 -16.97
CA LYS A 188 -22.39 18.62 -17.37
C LYS A 188 -22.58 20.13 -17.53
N LEU A 189 -21.80 20.96 -16.82
CA LEU A 189 -21.95 22.45 -16.84
C LEU A 189 -21.77 23.02 -18.25
N GLN A 190 -20.86 22.47 -19.06
CA GLN A 190 -20.42 23.10 -20.33
C GLN A 190 -21.16 22.53 -21.54
N ARG A 191 -22.04 21.53 -21.34
CA ARG A 191 -22.70 20.83 -22.47
C ARG A 191 -23.81 21.71 -23.07
N ALA A 192 -23.56 22.26 -24.25
CA ALA A 192 -24.58 23.00 -25.06
C ALA A 192 -25.79 22.09 -25.25
N ASN A 193 -25.58 20.83 -25.67
CA ASN A 193 -26.66 19.84 -25.88
C ASN A 193 -26.42 18.64 -24.97
N PRO A 194 -27.02 18.61 -23.75
CA PRO A 194 -26.82 17.51 -22.81
C PRO A 194 -27.27 16.15 -23.34
N ASP A 195 -28.12 16.13 -24.36
CA ASP A 195 -28.77 14.92 -24.92
C ASP A 195 -27.95 14.33 -26.08
N ASP A 196 -26.87 15.00 -26.49
CA ASP A 196 -25.94 14.53 -27.55
C ASP A 196 -25.57 13.08 -27.22
N PRO A 197 -25.66 12.14 -28.17
CA PRO A 197 -25.36 10.73 -27.89
C PRO A 197 -23.92 10.52 -27.41
N ALA A 198 -23.03 11.47 -27.72
CA ALA A 198 -21.61 11.49 -27.27
C ALA A 198 -21.52 11.37 -25.74
N TYR A 199 -22.56 11.79 -25.00
CA TYR A 199 -22.57 11.82 -23.51
C TYR A 199 -23.29 10.60 -22.92
N ASP A 200 -23.84 9.71 -23.76
CA ASP A 200 -24.57 8.51 -23.28
C ASP A 200 -23.63 7.65 -22.41
N GLU A 201 -22.36 7.49 -22.80
CA GLU A 201 -21.38 6.66 -22.06
C GLU A 201 -21.10 7.34 -20.70
N ASN A 202 -20.91 8.66 -20.71
CA ASN A 202 -20.70 9.47 -19.47
C ASN A 202 -21.84 9.26 -18.49
N LYS A 203 -23.08 9.23 -18.98
CA LYS A 203 -24.31 9.10 -18.14
C LYS A 203 -24.41 7.67 -17.60
N ARG A 204 -24.05 6.66 -18.41
CA ARG A 204 -24.06 5.24 -17.95
C ARG A 204 -23.00 5.08 -16.84
N GLN A 205 -21.82 5.65 -17.03
CA GLN A 205 -20.71 5.62 -16.06
C GLN A 205 -21.18 6.32 -14.76
N PHE A 206 -21.87 7.45 -14.87
CA PHE A 206 -22.37 8.25 -13.71
C PHE A 206 -23.29 7.36 -12.86
N GLN A 207 -24.21 6.63 -13.48
CA GLN A 207 -25.17 5.76 -12.76
C GLN A 207 -24.41 4.59 -12.11
N GLU A 208 -23.35 4.08 -12.75
CA GLU A 208 -22.49 3.01 -12.20
C GLU A 208 -21.76 3.55 -10.96
N ASP A 209 -21.15 4.74 -11.08
CA ASP A 209 -20.41 5.41 -9.99
C ASP A 209 -21.36 5.64 -8.80
N ILE A 210 -22.61 6.05 -9.04
CA ILE A 210 -23.61 6.29 -7.96
C ILE A 210 -23.88 4.97 -7.24
N LYS A 211 -24.03 3.87 -7.98
CA LYS A 211 -24.28 2.52 -7.40
C LYS A 211 -23.10 2.11 -6.51
N VAL A 212 -21.87 2.32 -6.97
CA VAL A 212 -20.64 1.99 -6.20
C VAL A 212 -20.70 2.72 -4.85
N MET A 213 -20.97 4.02 -4.87
CA MET A 213 -20.99 4.88 -3.66
C MET A 213 -22.12 4.44 -2.74
N ASN A 214 -23.33 4.24 -3.27
CA ASN A 214 -24.52 3.87 -2.46
C ASN A 214 -24.29 2.50 -1.81
N ASP A 215 -23.79 1.52 -2.57
CA ASP A 215 -23.62 0.11 -2.12
C ASP A 215 -22.73 0.10 -0.86
N LEU A 216 -21.57 0.76 -0.94
CA LEU A 216 -20.60 0.81 0.19
C LEU A 216 -21.25 1.51 1.40
N VAL A 217 -21.78 2.71 1.21
CA VAL A 217 -22.41 3.54 2.29
C VAL A 217 -23.57 2.76 2.93
N ASP A 218 -24.49 2.19 2.13
CA ASP A 218 -25.69 1.49 2.69
C ASP A 218 -25.24 0.27 3.51
N LYS A 219 -24.18 -0.40 3.07
CA LYS A 219 -23.58 -1.55 3.81
C LYS A 219 -23.02 -1.07 5.16
N ILE A 220 -22.30 0.05 5.17
CA ILE A 220 -21.71 0.64 6.41
C ILE A 220 -22.84 0.92 7.40
N ILE A 221 -23.95 1.49 6.92
CA ILE A 221 -25.11 1.87 7.79
C ILE A 221 -25.72 0.57 8.36
N ALA A 222 -25.99 -0.41 7.49
CA ALA A 222 -26.58 -1.72 7.86
C ALA A 222 -25.66 -2.45 8.86
N ASP A 223 -24.34 -2.46 8.61
CA ASP A 223 -23.34 -3.14 9.48
C ASP A 223 -23.33 -2.50 10.87
N ARG A 224 -23.36 -1.17 10.95
CA ARG A 224 -23.36 -0.46 12.26
C ARG A 224 -24.66 -0.80 13.02
N LYS A 225 -25.81 -0.78 12.33
CA LYS A 225 -27.13 -1.08 12.94
C LYS A 225 -27.13 -2.52 13.50
N ALA A 226 -26.54 -3.46 12.76
CA ALA A 226 -26.53 -4.90 13.08
C ALA A 226 -25.63 -5.16 14.30
N SER A 227 -24.48 -4.49 14.38
CA SER A 227 -23.46 -4.73 15.44
C SER A 227 -23.93 -4.10 16.76
N GLY A 228 -24.70 -3.00 16.67
CA GLY A 228 -25.21 -2.22 17.82
C GLY A 228 -24.11 -1.37 18.46
N GLU A 229 -22.93 -1.34 17.84
CA GLU A 229 -21.68 -0.75 18.41
C GLU A 229 -21.86 0.76 18.55
N GLN A 230 -21.45 1.32 19.69
CA GLN A 230 -21.44 2.79 19.96
C GLN A 230 -19.98 3.24 19.90
N SER A 231 -19.61 4.07 18.93
CA SER A 231 -18.21 4.43 18.60
C SER A 231 -17.98 5.92 18.89
N ASP A 232 -19.04 6.63 19.26
CA ASP A 232 -19.03 8.09 19.46
C ASP A 232 -18.40 8.77 18.22
N ASP A 233 -18.78 8.30 17.03
CA ASP A 233 -18.33 8.88 15.73
C ASP A 233 -19.56 9.54 15.08
N LEU A 234 -19.42 10.19 13.93
CA LEU A 234 -20.54 10.88 13.25
C LEU A 234 -21.69 9.92 12.99
N LEU A 235 -21.40 8.69 12.57
CA LEU A 235 -22.47 7.74 12.21
C LEU A 235 -23.31 7.42 13.45
N THR A 236 -22.65 7.22 14.60
CA THR A 236 -23.32 7.04 15.92
C THR A 236 -24.26 8.24 16.15
N HIS A 237 -23.75 9.46 16.05
CA HIS A 237 -24.52 10.71 16.29
C HIS A 237 -25.72 10.74 15.35
N MET A 238 -25.54 10.33 14.09
CA MET A 238 -26.63 10.33 13.08
C MET A 238 -27.64 9.20 13.33
N LEU A 239 -27.22 8.06 13.85
CA LEU A 239 -28.19 6.96 14.08
C LEU A 239 -29.00 7.25 15.34
N ASN A 240 -28.41 7.92 16.33
CA ASN A 240 -29.01 8.07 17.68
C ASN A 240 -29.54 9.48 17.89
N GLY A 241 -29.06 10.45 17.11
CA GLY A 241 -29.25 11.87 17.37
C GLY A 241 -30.67 12.28 17.08
N LYS A 242 -31.18 13.24 17.83
CA LYS A 242 -32.53 13.80 17.66
C LYS A 242 -32.37 15.30 17.51
N ASP A 243 -33.03 15.87 16.52
CA ASP A 243 -33.04 17.34 16.30
C ASP A 243 -33.75 17.99 17.48
N PRO A 244 -33.12 18.89 18.23
CA PRO A 244 -33.79 19.58 19.35
C PRO A 244 -35.05 20.35 18.92
N GLU A 245 -35.11 20.83 17.67
CA GLU A 245 -36.24 21.65 17.18
C GLU A 245 -37.46 20.75 16.92
N THR A 246 -37.38 19.88 15.93
CA THR A 246 -38.48 18.96 15.52
C THR A 246 -38.56 17.75 16.44
N GLY A 247 -37.49 17.39 17.15
CA GLY A 247 -37.41 16.16 17.97
C GLY A 247 -37.21 14.92 17.12
N GLU A 248 -37.04 15.08 15.80
CA GLU A 248 -36.96 13.94 14.86
C GLU A 248 -35.51 13.48 14.67
N PRO A 249 -35.29 12.17 14.42
CA PRO A 249 -34.00 11.68 13.95
C PRO A 249 -33.92 11.82 12.43
N LEU A 250 -32.73 11.67 11.86
CA LEU A 250 -32.56 11.56 10.39
C LEU A 250 -33.07 10.18 9.96
N ASP A 251 -33.68 10.08 8.79
CA ASP A 251 -34.05 8.78 8.19
C ASP A 251 -32.82 8.21 7.48
N ASP A 252 -32.81 6.89 7.22
CA ASP A 252 -31.63 6.13 6.74
C ASP A 252 -31.17 6.69 5.37
N GLU A 253 -32.11 7.16 4.55
CA GLU A 253 -31.77 7.74 3.23
C GLU A 253 -30.93 9.00 3.39
N ASN A 254 -31.37 9.89 4.26
CA ASN A 254 -30.64 11.16 4.52
C ASN A 254 -29.25 10.85 5.10
N ILE A 255 -29.18 9.87 6.01
CA ILE A 255 -27.88 9.44 6.62
C ILE A 255 -26.92 9.04 5.50
N ARG A 256 -27.41 8.27 4.52
CA ARG A 256 -26.59 7.86 3.37
C ARG A 256 -26.04 9.09 2.63
N TYR A 257 -26.90 10.07 2.35
CA TYR A 257 -26.46 11.32 1.67
C TYR A 257 -25.45 12.07 2.53
N GLN A 258 -25.62 12.12 3.85
CA GLN A 258 -24.64 12.78 4.73
C GLN A 258 -23.29 12.05 4.64
N ILE A 259 -23.27 10.71 4.66
CA ILE A 259 -21.99 9.94 4.63
C ILE A 259 -21.30 10.25 3.29
N ILE A 260 -22.02 10.15 2.18
CA ILE A 260 -21.45 10.48 0.85
C ILE A 260 -20.89 11.91 0.90
N THR A 261 -21.66 12.86 1.45
CA THR A 261 -21.31 14.31 1.49
C THR A 261 -20.01 14.47 2.27
N PHE A 262 -19.97 13.93 3.49
CA PHE A 262 -18.76 14.01 4.35
C PHE A 262 -17.55 13.38 3.68
N LEU A 263 -17.70 12.22 3.02
CA LEU A 263 -16.54 11.52 2.41
C LEU A 263 -16.00 12.37 1.28
N ILE A 264 -16.88 12.94 0.47
CA ILE A 264 -16.43 13.68 -0.73
C ILE A 264 -15.83 15.02 -0.28
N ALA A 265 -16.58 15.82 0.47
CA ALA A 265 -16.12 17.18 0.86
C ALA A 265 -14.87 17.04 1.74
N GLY A 266 -14.98 16.20 2.76
CA GLY A 266 -13.90 15.84 3.70
C GLY A 266 -12.58 15.55 3.00
N HIS A 267 -12.58 14.71 1.98
CA HIS A 267 -11.32 14.33 1.27
C HIS A 267 -10.94 15.44 0.27
N GLU A 268 -11.84 15.85 -0.62
CA GLU A 268 -11.49 16.70 -1.80
C GLU A 268 -10.89 18.02 -1.33
N THR A 269 -11.54 18.71 -0.40
CA THR A 269 -11.15 20.11 -0.06
C THR A 269 -9.85 20.10 0.75
N THR A 270 -9.79 19.26 1.77
CA THR A 270 -8.62 19.25 2.67
C THR A 270 -7.40 18.74 1.91
N SER A 271 -7.54 17.79 0.99
CA SER A 271 -6.35 17.28 0.23
C SER A 271 -5.80 18.41 -0.65
N GLY A 272 -6.70 19.19 -1.28
CA GLY A 272 -6.32 20.38 -2.05
C GLY A 272 -5.57 21.38 -1.18
N LEU A 273 -6.07 21.67 0.01
CA LEU A 273 -5.42 22.63 0.93
C LEU A 273 -3.99 22.18 1.23
N LEU A 274 -3.83 20.93 1.67
CA LEU A 274 -2.48 20.42 2.08
C LEU A 274 -1.53 20.47 0.88
N SER A 275 -2.00 20.10 -0.30
CA SER A 275 -1.20 20.11 -1.55
C SER A 275 -0.77 21.55 -1.89
N PHE A 276 -1.69 22.52 -1.87
CA PHE A 276 -1.37 23.96 -2.12
C PHE A 276 -0.41 24.50 -1.04
N ALA A 277 -0.65 24.18 0.23
CA ALA A 277 0.23 24.59 1.35
C ALA A 277 1.66 24.11 1.09
N LEU A 278 1.84 22.83 0.71
CA LEU A 278 3.22 22.29 0.48
C LEU A 278 3.81 22.96 -0.76
N TYR A 279 3.01 23.16 -1.80
CA TYR A 279 3.44 23.89 -3.02
C TYR A 279 4.03 25.25 -2.62
N PHE A 280 3.28 26.05 -1.87
CA PHE A 280 3.69 27.42 -1.51
C PHE A 280 4.93 27.38 -0.62
N LEU A 281 5.02 26.43 0.29
CA LEU A 281 6.21 26.31 1.17
C LEU A 281 7.46 26.03 0.31
N VAL A 282 7.43 25.08 -0.60
CA VAL A 282 8.68 24.76 -1.37
C VAL A 282 9.00 25.92 -2.33
N LYS A 283 8.03 26.73 -2.75
CA LYS A 283 8.28 27.89 -3.65
C LYS A 283 8.70 29.12 -2.83
N ASN A 284 8.56 29.07 -1.51
CA ASN A 284 8.88 30.22 -0.61
C ASN A 284 9.67 29.68 0.56
N PRO A 285 10.95 29.33 0.34
CA PRO A 285 11.75 28.62 1.34
C PRO A 285 11.94 29.34 2.68
N HIS A 286 11.91 30.68 2.69
CA HIS A 286 11.93 31.48 3.95
C HIS A 286 10.70 31.11 4.79
N VAL A 287 9.56 30.93 4.14
CA VAL A 287 8.29 30.63 4.83
C VAL A 287 8.35 29.17 5.29
N LEU A 288 8.86 28.26 4.45
CA LEU A 288 9.07 26.84 4.83
C LEU A 288 9.93 26.82 6.09
N GLN A 289 10.99 27.62 6.15
CA GLN A 289 11.93 27.56 7.29
C GLN A 289 11.22 28.02 8.57
N LYS A 290 10.44 29.09 8.51
CA LYS A 290 9.68 29.61 9.67
C LYS A 290 8.73 28.52 10.17
N ALA A 291 8.01 27.87 9.26
CA ALA A 291 7.03 26.82 9.61
C ALA A 291 7.75 25.60 10.20
N ALA A 292 8.88 25.19 9.64
CA ALA A 292 9.68 24.02 10.08
C ALA A 292 10.27 24.31 11.46
N GLU A 293 10.69 25.54 11.70
CA GLU A 293 11.26 25.92 13.03
C GLU A 293 10.16 25.77 14.07
N GLU A 294 8.95 26.24 13.77
CA GLU A 294 7.81 26.15 14.71
C GLU A 294 7.48 24.66 14.97
N ALA A 295 7.38 23.85 13.93
CA ALA A 295 7.04 22.42 14.09
C ALA A 295 8.08 21.74 14.99
N ALA A 296 9.38 22.00 14.75
CA ALA A 296 10.49 21.39 15.51
C ALA A 296 10.42 21.82 16.99
N ARG A 297 10.14 23.10 17.26
CA ARG A 297 10.13 23.65 18.63
C ARG A 297 8.90 23.16 19.40
N VAL A 298 7.74 23.05 18.75
CA VAL A 298 6.45 22.78 19.44
C VAL A 298 6.23 21.27 19.59
N LEU A 299 6.48 20.50 18.53
CA LEU A 299 6.14 19.05 18.51
C LEU A 299 7.30 18.24 19.12
N VAL A 300 7.47 18.32 20.42
CA VAL A 300 8.64 17.74 21.16
C VAL A 300 8.41 16.26 21.47
N ASP A 301 7.20 15.73 21.26
CA ASP A 301 6.84 14.34 21.59
C ASP A 301 6.71 13.53 20.31
N PRO A 302 6.91 12.19 20.40
CA PRO A 302 6.80 11.34 19.21
C PRO A 302 5.46 11.48 18.47
N VAL A 303 4.37 11.62 19.23
CA VAL A 303 2.96 11.78 18.77
C VAL A 303 2.50 13.17 19.20
N PRO A 304 2.03 14.07 18.30
CA PRO A 304 1.48 15.35 18.74
C PRO A 304 0.23 15.18 19.63
N SER A 305 0.14 16.03 20.66
CA SER A 305 -1.07 16.18 21.49
C SER A 305 -2.00 17.21 20.86
N TYR A 306 -3.29 17.15 21.20
CA TYR A 306 -4.30 18.17 20.82
C TYR A 306 -3.78 19.57 21.17
N LYS A 307 -3.26 19.78 22.38
CA LYS A 307 -2.80 21.13 22.82
C LYS A 307 -1.61 21.60 21.98
N GLN A 308 -0.71 20.70 21.60
CA GLN A 308 0.48 21.06 20.78
C GLN A 308 0.01 21.55 19.41
N VAL A 309 -1.01 20.91 18.84
CA VAL A 309 -1.54 21.34 17.52
C VAL A 309 -2.05 22.78 17.63
N LYS A 310 -2.71 23.14 18.74
CA LYS A 310 -3.28 24.51 18.95
C LYS A 310 -2.14 25.53 19.10
N GLN A 311 -0.91 25.08 19.41
CA GLN A 311 0.26 25.96 19.50
C GLN A 311 0.93 26.17 18.15
N LEU A 312 0.55 25.44 17.09
CA LEU A 312 1.18 25.60 15.76
C LEU A 312 0.59 26.83 15.05
N LYS A 313 0.83 28.02 15.60
CA LYS A 313 0.22 29.28 15.12
C LYS A 313 0.67 29.58 13.69
N TYR A 314 1.97 29.50 13.40
CA TYR A 314 2.51 29.85 12.06
C TYR A 314 2.02 28.84 11.03
N VAL A 315 1.95 27.56 11.39
CA VAL A 315 1.44 26.51 10.47
C VAL A 315 -0.01 26.89 10.12
N GLY A 316 -0.78 27.31 11.12
CA GLY A 316 -2.17 27.77 10.88
C GLY A 316 -2.23 28.98 9.95
N MET A 317 -1.29 29.91 10.06
CA MET A 317 -1.20 31.09 9.16
C MET A 317 -0.86 30.64 7.73
N VAL A 318 0.04 29.66 7.59
CA VAL A 318 0.41 29.09 6.27
C VAL A 318 -0.87 28.54 5.63
N LEU A 319 -1.65 27.77 6.38
CA LEU A 319 -2.91 27.17 5.82
C LEU A 319 -3.89 28.26 5.43
N ASN A 320 -4.03 29.31 6.24
CA ASN A 320 -4.96 30.41 5.91
C ASN A 320 -4.47 31.14 4.65
N GLU A 321 -3.16 31.28 4.48
CA GLU A 321 -2.63 32.02 3.30
C GLU A 321 -2.77 31.13 2.05
N ALA A 322 -2.69 29.80 2.17
CA ALA A 322 -3.00 28.87 1.05
C ALA A 322 -4.49 28.96 0.72
N LEU A 323 -5.37 29.01 1.73
CA LEU A 323 -6.82 29.21 1.48
C LEU A 323 -7.09 30.59 0.87
N ARG A 324 -6.32 31.61 1.21
CA ARG A 324 -6.53 32.93 0.58
C ARG A 324 -6.31 32.79 -0.93
N LEU A 325 -5.16 32.29 -1.33
CA LEU A 325 -4.79 32.28 -2.76
C LEU A 325 -5.58 31.21 -3.52
N TRP A 326 -5.77 30.01 -2.97
CA TRP A 326 -6.45 28.90 -3.71
C TRP A 326 -7.45 28.19 -2.79
N PRO A 327 -8.57 28.87 -2.45
CA PRO A 327 -9.64 28.26 -1.68
C PRO A 327 -10.17 27.05 -2.49
N THR A 328 -10.18 25.86 -1.91
CA THR A 328 -10.31 24.60 -2.68
C THR A 328 -11.76 24.34 -3.04
N ALA A 329 -12.73 24.99 -2.40
CA ALA A 329 -14.14 24.99 -2.88
C ALA A 329 -14.41 26.42 -3.34
N PRO A 330 -14.02 26.78 -4.57
CA PRO A 330 -13.69 28.18 -4.91
C PRO A 330 -14.85 29.14 -5.19
N ALA A 331 -16.08 28.69 -5.03
CA ALA A 331 -17.26 29.56 -5.25
C ALA A 331 -18.45 29.03 -4.45
N PHE A 332 -19.32 29.95 -4.05
CA PHE A 332 -20.65 29.64 -3.49
C PHE A 332 -21.65 30.63 -4.07
N SER A 333 -22.91 30.20 -4.06
CA SER A 333 -24.02 30.83 -4.80
C SER A 333 -25.05 31.30 -3.78
N LEU A 334 -25.69 32.43 -4.08
CA LEU A 334 -26.72 33.07 -3.24
C LEU A 334 -27.89 33.45 -4.16
N TYR A 335 -29.09 33.53 -3.59
CA TYR A 335 -30.24 34.13 -4.29
C TYR A 335 -30.77 35.26 -3.40
N ALA A 336 -31.34 36.28 -4.04
CA ALA A 336 -31.98 37.43 -3.37
C ALA A 336 -33.29 36.95 -2.75
N LYS A 337 -33.48 37.16 -1.44
CA LYS A 337 -34.72 36.78 -0.72
C LYS A 337 -35.88 37.66 -1.17
N GLU A 338 -35.60 38.91 -1.55
CA GLU A 338 -36.60 39.92 -2.00
C GLU A 338 -35.92 40.84 -3.02
N ASP A 339 -36.71 41.61 -3.78
CA ASP A 339 -36.20 42.74 -4.59
C ASP A 339 -35.29 43.58 -3.70
N THR A 340 -34.12 43.97 -4.22
CA THR A 340 -33.11 44.72 -3.44
C THR A 340 -32.12 45.37 -4.41
N VAL A 341 -31.32 46.30 -3.90
CA VAL A 341 -30.26 46.99 -4.69
C VAL A 341 -28.92 46.60 -4.08
N LEU A 342 -28.04 46.01 -4.88
CA LEU A 342 -26.68 45.61 -4.43
C LEU A 342 -25.73 46.80 -4.64
N GLY A 343 -25.04 47.22 -3.57
CA GLY A 343 -23.96 48.23 -3.61
C GLY A 343 -24.45 49.60 -4.06
N GLY A 344 -25.75 49.87 -3.91
CA GLY A 344 -26.39 51.15 -4.31
C GLY A 344 -26.42 51.34 -5.81
N GLU A 345 -26.11 50.31 -6.61
CA GLU A 345 -25.87 50.46 -8.08
C GLU A 345 -26.57 49.37 -8.90
N TYR A 346 -26.76 48.15 -8.36
CA TYR A 346 -27.24 46.98 -9.14
C TYR A 346 -28.58 46.50 -8.58
N PRO A 347 -29.70 46.87 -9.24
CA PRO A 347 -31.02 46.41 -8.81
C PRO A 347 -31.16 44.90 -9.08
N LEU A 348 -31.66 44.16 -8.09
CA LEU A 348 -31.93 42.71 -8.20
C LEU A 348 -33.42 42.45 -7.94
N GLU A 349 -33.98 41.46 -8.65
CA GLU A 349 -35.32 40.92 -8.37
C GLU A 349 -35.19 39.72 -7.42
N LYS A 350 -36.21 39.50 -6.61
CA LYS A 350 -36.40 38.26 -5.82
C LYS A 350 -35.98 37.05 -6.66
N GLY A 351 -35.11 36.19 -6.14
CA GLY A 351 -34.69 34.96 -6.83
C GLY A 351 -33.41 35.13 -7.66
N ASP A 352 -32.94 36.36 -7.88
CA ASP A 352 -31.75 36.60 -8.73
C ASP A 352 -30.52 35.92 -8.09
N GLU A 353 -29.72 35.24 -8.90
CA GLU A 353 -28.54 34.46 -8.42
C GLU A 353 -27.28 35.32 -8.44
N LEU A 354 -26.46 35.17 -7.39
CA LEU A 354 -25.09 35.71 -7.26
C LEU A 354 -24.13 34.54 -7.11
N MET A 355 -22.93 34.67 -7.69
CA MET A 355 -21.82 33.73 -7.44
C MET A 355 -20.68 34.52 -6.79
N VAL A 356 -20.22 34.07 -5.62
CA VAL A 356 -19.04 34.66 -4.96
C VAL A 356 -17.82 33.91 -5.47
N LEU A 357 -16.94 34.64 -6.17
CA LEU A 357 -15.73 34.06 -6.77
C LEU A 357 -14.62 34.22 -5.73
N ILE A 358 -14.49 33.24 -4.85
CA ILE A 358 -13.70 33.39 -3.60
C ILE A 358 -12.26 33.75 -3.95
N PRO A 359 -11.59 33.13 -4.94
CA PRO A 359 -10.17 33.45 -5.17
C PRO A 359 -10.01 34.93 -5.57
N GLN A 360 -11.02 35.53 -6.24
CA GLN A 360 -10.95 36.94 -6.66
C GLN A 360 -11.22 37.85 -5.47
N LEU A 361 -12.22 37.55 -4.64
CA LEU A 361 -12.45 38.24 -3.35
C LEU A 361 -11.11 38.37 -2.64
N HIS A 362 -10.39 37.26 -2.55
CA HIS A 362 -9.13 37.11 -1.77
C HIS A 362 -7.97 37.85 -2.43
N ARG A 363 -8.17 38.40 -3.62
CA ARG A 363 -7.17 39.24 -4.36
C ARG A 363 -7.65 40.70 -4.44
N ASP A 364 -8.59 41.10 -3.58
CA ASP A 364 -9.13 42.48 -3.57
C ASP A 364 -8.05 43.40 -3.00
N LYS A 365 -7.42 44.21 -3.84
CA LYS A 365 -6.27 45.04 -3.39
C LYS A 365 -6.72 46.09 -2.36
N THR A 366 -8.00 46.46 -2.30
CA THR A 366 -8.49 47.48 -1.33
C THR A 366 -8.44 46.88 0.07
N ILE A 367 -8.42 45.55 0.17
CA ILE A 367 -8.37 44.83 1.48
C ILE A 367 -6.93 44.44 1.77
N TRP A 368 -6.27 43.74 0.85
CA TRP A 368 -5.00 43.01 1.13
C TRP A 368 -3.76 43.85 0.77
N GLY A 369 -3.92 44.94 0.02
CA GLY A 369 -2.78 45.73 -0.51
C GLY A 369 -2.32 45.23 -1.87
N ASP A 370 -1.23 45.76 -2.41
CA ASP A 370 -0.86 45.57 -3.84
C ASP A 370 -0.19 44.20 -4.03
N ASP A 371 0.39 43.63 -2.98
CA ASP A 371 1.20 42.38 -3.04
C ASP A 371 0.30 41.13 -2.99
N VAL A 372 -0.90 41.17 -3.58
CA VAL A 372 -1.96 40.14 -3.38
C VAL A 372 -1.54 38.76 -3.92
N GLU A 373 -0.62 38.68 -4.89
CA GLU A 373 -0.17 37.37 -5.42
C GLU A 373 0.94 36.76 -4.54
N GLU A 374 1.52 37.52 -3.61
CA GLU A 374 2.64 37.00 -2.77
C GLU A 374 2.08 36.09 -1.68
N PHE A 375 2.82 35.03 -1.37
CA PHE A 375 2.50 34.06 -0.28
C PHE A 375 3.15 34.59 1.01
N ARG A 376 2.32 35.21 1.84
CA ARG A 376 2.79 35.93 3.06
C ARG A 376 1.84 35.56 4.19
N PRO A 377 2.14 34.46 4.91
CA PRO A 377 1.32 34.04 6.04
C PRO A 377 1.17 35.11 7.12
N GLU A 378 2.11 36.05 7.18
CA GLU A 378 2.14 37.15 8.19
C GLU A 378 0.88 38.03 8.04
N ARG A 379 0.21 38.03 6.89
CA ARG A 379 -1.11 38.68 6.73
C ARG A 379 -2.09 38.22 7.82
N PHE A 380 -1.94 37.01 8.33
CA PHE A 380 -2.87 36.37 9.29
C PHE A 380 -2.30 36.43 10.73
N GLU A 381 -1.22 37.18 10.98
CA GLU A 381 -0.55 37.19 12.31
C GLU A 381 -1.47 37.87 13.32
N ASN A 382 -2.26 38.83 12.86
CA ASN A 382 -3.34 39.50 13.63
C ASN A 382 -4.67 39.19 12.93
N PRO A 383 -5.32 38.04 13.21
CA PRO A 383 -6.55 37.67 12.50
C PRO A 383 -7.68 38.72 12.64
N SER A 384 -7.71 39.40 13.79
CA SER A 384 -8.68 40.47 14.12
C SER A 384 -8.57 41.63 13.12
N ALA A 385 -7.41 41.81 12.48
CA ALA A 385 -7.16 42.91 11.51
C ALA A 385 -7.96 42.69 10.22
N ILE A 386 -8.48 41.48 9.97
CA ILE A 386 -9.12 41.17 8.65
C ILE A 386 -10.54 41.70 8.64
N PRO A 387 -10.92 42.60 7.72
CA PRO A 387 -12.27 43.17 7.72
C PRO A 387 -13.35 42.08 7.60
N GLN A 388 -14.57 42.40 8.03
CA GLN A 388 -15.73 41.50 7.91
C GLN A 388 -15.94 41.10 6.44
N HIS A 389 -16.11 39.80 6.20
CA HIS A 389 -16.49 39.20 4.88
C HIS A 389 -15.38 39.35 3.84
N ALA A 390 -14.14 39.66 4.25
CA ALA A 390 -13.00 39.79 3.33
C ALA A 390 -12.37 38.41 3.05
N PHE A 391 -12.45 37.49 4.00
CA PHE A 391 -11.82 36.14 3.91
C PHE A 391 -12.90 35.08 4.09
N LYS A 392 -13.28 34.40 3.02
CA LYS A 392 -14.48 33.53 3.03
C LYS A 392 -14.19 32.17 2.41
N PRO A 393 -13.09 31.48 2.77
CA PRO A 393 -12.79 30.16 2.22
C PRO A 393 -13.77 29.06 2.66
N PHE A 394 -14.55 29.31 3.71
CA PHE A 394 -15.52 28.35 4.29
C PHE A 394 -16.96 28.80 4.05
N GLY A 395 -17.15 29.72 3.12
CA GLY A 395 -18.49 30.28 2.80
C GLY A 395 -18.99 31.20 3.89
N ASN A 396 -20.30 31.20 4.13
CA ASN A 396 -20.97 32.30 4.86
C ASN A 396 -22.10 31.81 5.78
N GLY A 397 -22.12 32.37 6.97
CA GLY A 397 -23.26 32.36 7.91
C GLY A 397 -23.63 30.96 8.33
N GLN A 398 -24.94 30.67 8.43
CA GLN A 398 -25.42 29.34 8.86
C GLN A 398 -25.10 28.27 7.80
N ARG A 399 -24.83 28.65 6.55
CA ARG A 399 -24.47 27.71 5.46
C ARG A 399 -22.94 27.64 5.27
N ALA A 400 -22.16 28.13 6.23
CA ALA A 400 -20.70 28.01 6.21
C ALA A 400 -20.32 26.54 6.42
N CYS A 401 -19.10 26.19 6.03
CA CYS A 401 -18.54 24.84 6.18
C CYS A 401 -18.71 24.33 7.61
N ILE A 402 -19.40 23.22 7.79
CA ILE A 402 -19.49 22.57 9.13
C ILE A 402 -18.15 21.93 9.51
N GLY A 403 -17.30 21.61 8.53
CA GLY A 403 -16.04 20.88 8.76
C GLY A 403 -14.85 21.79 8.98
N GLN A 404 -15.06 23.11 9.17
CA GLN A 404 -13.94 24.09 9.21
C GLN A 404 -12.91 23.72 10.30
N GLN A 405 -13.36 23.49 11.53
CA GLN A 405 -12.46 23.15 12.67
C GLN A 405 -11.78 21.80 12.40
N PHE A 406 -12.54 20.82 11.92
CA PHE A 406 -12.07 19.46 11.58
C PHE A 406 -10.90 19.57 10.59
N ALA A 407 -11.16 20.24 9.46
CA ALA A 407 -10.19 20.40 8.36
C ALA A 407 -8.93 21.09 8.86
N LEU A 408 -9.07 22.17 9.62
CA LEU A 408 -7.91 22.98 10.04
C LEU A 408 -7.13 22.22 11.12
N HIS A 409 -7.81 21.46 11.98
CA HIS A 409 -7.09 20.64 12.98
C HIS A 409 -6.28 19.56 12.25
N GLU A 410 -6.92 18.80 11.35
CA GLU A 410 -6.25 17.76 10.55
C GLU A 410 -5.04 18.38 9.83
N ALA A 411 -5.25 19.45 9.06
CA ALA A 411 -4.22 20.04 8.17
C ALA A 411 -3.07 20.59 9.01
N THR A 412 -3.37 21.20 10.16
CA THR A 412 -2.32 21.75 11.05
C THR A 412 -1.48 20.59 11.60
N LEU A 413 -2.12 19.55 12.12
CA LEU A 413 -1.44 18.37 12.69
C LEU A 413 -0.52 17.75 11.62
N VAL A 414 -1.07 17.50 10.43
CA VAL A 414 -0.37 16.79 9.33
C VAL A 414 0.80 17.65 8.82
N LEU A 415 0.56 18.93 8.52
CA LEU A 415 1.63 19.82 8.00
C LEU A 415 2.71 19.99 9.07
N GLY A 416 2.33 20.13 10.35
CA GLY A 416 3.29 20.16 11.46
C GLY A 416 4.20 18.92 11.49
N MET A 417 3.61 17.74 11.42
CA MET A 417 4.39 16.46 11.42
C MET A 417 5.27 16.39 10.17
N MET A 418 4.75 16.77 9.00
CA MET A 418 5.55 16.76 7.75
C MET A 418 6.79 17.63 7.94
N LEU A 419 6.61 18.82 8.51
CA LEU A 419 7.71 19.82 8.61
C LEU A 419 8.67 19.43 9.73
N LYS A 420 8.19 18.72 10.74
CA LYS A 420 9.06 18.20 11.81
C LYS A 420 10.00 17.14 11.24
N HIS A 421 9.48 16.25 10.40
CA HIS A 421 10.14 14.96 10.07
C HIS A 421 10.99 15.05 8.80
N PHE A 422 10.71 16.00 7.89
CA PHE A 422 11.38 16.04 6.57
C PHE A 422 11.77 17.44 6.15
N ASP A 423 12.90 17.52 5.44
CA ASP A 423 13.24 18.63 4.53
C ASP A 423 12.63 18.29 3.17
N PHE A 424 12.18 19.30 2.44
CA PHE A 424 11.51 19.11 1.12
C PHE A 424 12.33 19.79 0.01
N GLU A 425 12.38 19.13 -1.14
CA GLU A 425 13.06 19.65 -2.35
C GLU A 425 12.07 19.68 -3.51
N ASP A 426 11.95 20.84 -4.14
CA ASP A 426 11.22 21.03 -5.42
C ASP A 426 12.15 20.58 -6.54
N HIS A 427 12.40 19.27 -6.63
CA HIS A 427 13.48 18.71 -7.48
C HIS A 427 13.17 18.88 -8.96
N THR A 428 11.91 19.10 -9.36
CA THR A 428 11.53 19.26 -10.79
C THR A 428 11.28 20.73 -11.16
N ASN A 429 11.41 21.66 -10.22
CA ASN A 429 11.01 23.07 -10.43
C ASN A 429 9.58 23.06 -10.96
N TYR A 430 8.67 22.46 -10.19
CA TYR A 430 7.28 22.18 -10.62
C TYR A 430 6.56 23.46 -11.04
N GLU A 431 5.93 23.44 -12.21
CA GLU A 431 5.08 24.54 -12.73
C GLU A 431 3.63 24.27 -12.32
N LEU A 432 3.05 25.16 -11.53
CA LEU A 432 1.70 24.94 -10.94
C LEU A 432 0.68 24.64 -12.05
N ASP A 433 -0.02 23.53 -11.90
CA ASP A 433 -1.10 23.10 -12.81
C ASP A 433 -2.29 22.77 -11.92
N ILE A 434 -3.33 23.60 -11.98
CA ILE A 434 -4.47 23.46 -11.03
C ILE A 434 -5.57 22.70 -11.74
N LYS A 435 -5.82 21.49 -11.26
CA LYS A 435 -6.90 20.62 -11.82
C LYS A 435 -8.20 21.05 -11.14
N GLU A 436 -9.25 21.13 -11.93
CA GLU A 436 -10.59 21.52 -11.44
C GLU A 436 -11.52 20.31 -11.56
N THR A 437 -12.18 19.96 -10.47
CA THR A 437 -13.29 18.98 -10.44
C THR A 437 -14.37 19.57 -9.55
N LEU A 438 -14.77 20.81 -9.85
CA LEU A 438 -15.51 21.75 -8.95
C LEU A 438 -14.59 22.14 -7.78
N THR A 439 -13.88 21.20 -7.14
CA THR A 439 -12.78 21.53 -6.20
C THR A 439 -11.47 21.75 -6.96
N LEU A 440 -10.51 22.44 -6.33
CA LEU A 440 -9.21 22.81 -6.94
C LEU A 440 -8.11 21.99 -6.27
N LYS A 441 -7.15 21.46 -7.04
CA LYS A 441 -5.95 20.83 -6.45
C LYS A 441 -4.82 20.93 -7.45
N PRO A 442 -3.57 21.02 -6.96
CA PRO A 442 -2.42 20.89 -7.84
C PRO A 442 -2.44 19.50 -8.48
N GLU A 443 -2.09 19.44 -9.77
CA GLU A 443 -1.94 18.18 -10.51
C GLU A 443 -0.47 18.01 -10.86
N GLY A 444 0.08 16.81 -10.66
CA GLY A 444 1.45 16.50 -11.10
C GLY A 444 2.52 17.05 -10.17
N PHE A 445 2.14 17.54 -9.00
CA PHE A 445 3.08 18.13 -8.01
C PHE A 445 3.83 16.98 -7.33
N VAL A 446 5.15 16.99 -7.53
CA VAL A 446 6.07 16.00 -6.92
C VAL A 446 7.15 16.75 -6.15
N VAL A 447 7.66 16.15 -5.08
CA VAL A 447 8.79 16.66 -4.26
C VAL A 447 9.64 15.48 -3.81
N LYS A 448 10.85 15.76 -3.37
CA LYS A 448 11.70 14.82 -2.63
C LYS A 448 11.70 15.24 -1.18
N ALA A 449 11.57 14.27 -0.28
CA ALA A 449 11.64 14.49 1.18
C ALA A 449 12.93 13.85 1.69
N LYS A 450 13.70 14.57 2.48
CA LYS A 450 14.91 14.03 3.14
C LYS A 450 14.59 13.98 4.62
N SER A 451 14.66 12.78 5.18
CA SER A 451 14.31 12.54 6.59
C SER A 451 15.26 13.32 7.49
N LYS A 452 14.72 13.98 8.50
CA LYS A 452 15.54 14.56 9.60
C LYS A 452 15.83 13.47 10.63
N LYS A 453 15.36 12.24 10.39
CA LYS A 453 15.70 11.03 11.19
C LYS A 453 15.27 11.24 12.64
N ILE A 454 14.07 11.78 12.85
CA ILE A 454 13.47 11.97 14.20
C ILE A 454 12.47 10.84 14.42
N PRO A 455 12.69 9.97 15.44
CA PRO A 455 11.86 8.79 15.63
C PRO A 455 10.41 9.17 16.00
N LEU A 456 9.46 8.33 15.61
CA LEU A 456 8.05 8.33 16.11
C LEU A 456 7.98 7.42 17.35
N THR B 2 21.07 -59.08 -7.19
CA THR B 2 21.06 -57.86 -6.34
C THR B 2 20.95 -56.61 -7.22
N ILE B 3 21.74 -56.48 -8.30
CA ILE B 3 21.61 -55.38 -9.31
C ILE B 3 20.19 -55.45 -9.91
N LYS B 4 19.42 -54.36 -9.80
CA LYS B 4 18.02 -54.23 -10.30
C LYS B 4 17.96 -53.17 -11.40
N GLU B 5 16.99 -53.30 -12.30
CA GLU B 5 16.55 -52.23 -13.25
C GLU B 5 15.56 -51.32 -12.50
N MET B 6 15.70 -50.00 -12.59
CA MET B 6 14.78 -49.11 -11.84
C MET B 6 13.55 -48.86 -12.68
N PRO B 7 12.37 -48.65 -12.07
CA PRO B 7 11.18 -48.32 -12.84
C PRO B 7 11.33 -46.97 -13.54
N GLN B 8 10.44 -46.74 -14.50
CA GLN B 8 10.39 -45.49 -15.29
C GLN B 8 8.92 -45.19 -15.54
N PRO B 9 8.47 -43.92 -15.36
CA PRO B 9 7.09 -43.57 -15.66
C PRO B 9 6.84 -43.60 -17.17
N LYS B 10 5.56 -43.44 -17.50
CA LYS B 10 5.05 -43.55 -18.88
C LYS B 10 5.83 -42.59 -19.79
N THR B 11 6.07 -43.05 -21.00
CA THR B 11 6.89 -42.35 -22.02
C THR B 11 5.98 -41.90 -23.15
N PHE B 12 6.50 -41.00 -23.97
CA PHE B 12 5.80 -40.32 -25.08
C PHE B 12 6.66 -40.41 -26.35
N GLY B 13 6.98 -41.64 -26.74
CA GLY B 13 7.89 -41.94 -27.87
C GLY B 13 9.20 -41.18 -27.72
N GLU B 14 9.54 -40.40 -28.74
CA GLU B 14 10.83 -39.69 -28.88
C GLU B 14 11.02 -38.70 -27.72
N LEU B 15 9.93 -38.17 -27.17
CA LEU B 15 9.99 -37.15 -26.08
C LEU B 15 10.24 -37.81 -24.73
N LYS B 16 10.24 -39.14 -24.67
CA LYS B 16 10.54 -39.95 -23.46
C LYS B 16 9.60 -39.45 -22.36
N ASN B 17 10.12 -38.99 -21.22
CA ASN B 17 9.27 -38.56 -20.08
C ASN B 17 8.96 -37.05 -20.12
N LEU B 18 9.52 -36.29 -21.06
CA LEU B 18 9.47 -34.80 -21.01
C LEU B 18 8.04 -34.29 -20.85
N PRO B 19 7.02 -34.80 -21.58
CA PRO B 19 5.65 -34.27 -21.46
C PRO B 19 5.02 -34.41 -20.07
N LEU B 20 5.57 -35.25 -19.19
CA LEU B 20 5.11 -35.32 -17.77
C LEU B 20 5.34 -33.98 -17.07
N LEU B 21 6.29 -33.16 -17.54
CA LEU B 21 6.61 -31.83 -16.95
C LEU B 21 5.75 -30.75 -17.60
N ASN B 22 4.91 -31.11 -18.58
CA ASN B 22 4.00 -30.14 -19.24
C ASN B 22 2.79 -29.94 -18.32
N THR B 23 3.02 -29.25 -17.20
CA THR B 23 2.03 -29.03 -16.12
C THR B 23 2.50 -27.81 -15.34
N ASP B 24 1.61 -27.07 -14.67
CA ASP B 24 2.06 -25.96 -13.80
C ASP B 24 2.38 -26.52 -12.41
N LYS B 25 2.20 -27.84 -12.18
CA LYS B 25 2.50 -28.52 -10.89
C LYS B 25 3.42 -29.73 -11.10
N PRO B 26 4.67 -29.53 -11.60
CA PRO B 26 5.56 -30.66 -11.88
C PRO B 26 6.01 -31.44 -10.63
N VAL B 27 6.25 -30.76 -9.52
CA VAL B 27 6.69 -31.48 -8.29
C VAL B 27 5.57 -32.40 -7.80
N GLN B 28 4.32 -31.91 -7.79
CA GLN B 28 3.17 -32.71 -7.35
C GLN B 28 3.01 -33.90 -8.30
N ALA B 29 3.23 -33.71 -9.60
CA ALA B 29 3.17 -34.79 -10.61
C ALA B 29 4.22 -35.85 -10.28
N LEU B 30 5.46 -35.43 -9.95
CA LEU B 30 6.58 -36.36 -9.63
C LEU B 30 6.29 -37.09 -8.32
N MET B 31 5.62 -36.45 -7.36
CA MET B 31 5.22 -37.10 -6.09
C MET B 31 4.22 -38.25 -6.37
N LYS B 32 3.24 -38.03 -7.23
CA LYS B 32 2.25 -39.07 -7.59
C LYS B 32 2.98 -40.22 -8.31
N ILE B 33 3.96 -39.91 -9.16
CA ILE B 33 4.79 -40.95 -9.84
C ILE B 33 5.57 -41.75 -8.78
N ALA B 34 6.16 -41.08 -7.81
CA ALA B 34 6.90 -41.75 -6.71
C ALA B 34 5.96 -42.68 -5.91
N ASP B 35 4.73 -42.24 -5.60
CA ASP B 35 3.75 -43.08 -4.85
C ASP B 35 3.51 -44.37 -5.63
N GLU B 36 3.44 -44.29 -6.95
CA GLU B 36 3.12 -45.45 -7.82
C GLU B 36 4.35 -46.33 -8.01
N LEU B 37 5.53 -45.73 -8.24
CA LEU B 37 6.72 -46.52 -8.67
C LEU B 37 7.67 -46.83 -7.50
N GLY B 38 7.60 -46.05 -6.41
CA GLY B 38 8.37 -46.30 -5.17
C GLY B 38 9.64 -45.45 -5.12
N GLU B 39 10.68 -46.00 -4.47
CA GLU B 39 11.78 -45.23 -3.88
C GLU B 39 12.70 -44.63 -4.95
N ILE B 40 12.70 -45.16 -6.16
CA ILE B 40 13.59 -44.67 -7.24
C ILE B 40 12.92 -44.87 -8.59
N PHE B 41 13.04 -43.88 -9.45
CA PHE B 41 12.61 -44.02 -10.85
C PHE B 41 13.51 -43.18 -11.74
N LYS B 42 13.73 -43.67 -12.96
CA LYS B 42 14.46 -43.00 -14.05
C LYS B 42 13.53 -41.99 -14.71
N PHE B 43 14.01 -40.78 -14.94
CA PHE B 43 13.28 -39.73 -15.69
C PHE B 43 14.17 -39.29 -16.83
N GLU B 44 13.72 -39.53 -18.07
CA GLU B 44 14.47 -39.22 -19.31
C GLU B 44 13.76 -38.13 -20.09
N ALA B 45 14.52 -37.14 -20.54
CA ALA B 45 14.12 -36.15 -21.56
C ALA B 45 15.14 -36.25 -22.69
N PRO B 46 14.83 -35.76 -23.90
CA PRO B 46 15.84 -35.73 -24.96
C PRO B 46 17.12 -35.10 -24.39
N GLY B 47 18.20 -35.88 -24.39
CA GLY B 47 19.56 -35.42 -24.06
C GLY B 47 19.81 -35.30 -22.56
N ARG B 48 18.98 -35.89 -21.69
CA ARG B 48 19.28 -35.92 -20.24
C ARG B 48 18.52 -37.02 -19.53
N VAL B 49 19.11 -37.52 -18.46
CA VAL B 49 18.52 -38.54 -17.57
C VAL B 49 18.77 -38.07 -16.14
N THR B 50 17.80 -38.26 -15.26
CA THR B 50 18.04 -38.10 -13.80
C THR B 50 17.22 -39.15 -13.10
N ARG B 51 17.63 -39.49 -11.89
CA ARG B 51 16.99 -40.57 -11.10
C ARG B 51 16.39 -39.88 -9.88
N TYR B 52 15.06 -39.97 -9.74
CA TYR B 52 14.30 -39.37 -8.63
C TYR B 52 14.28 -40.35 -7.46
N LEU B 53 14.83 -39.90 -6.33
CA LEU B 53 14.92 -40.66 -5.07
C LEU B 53 13.85 -40.15 -4.09
N SER B 54 13.16 -41.07 -3.40
CA SER B 54 12.04 -40.77 -2.47
C SER B 54 12.18 -41.47 -1.11
N SER B 55 13.07 -42.44 -0.96
CA SER B 55 13.23 -43.19 0.32
C SER B 55 14.42 -42.64 1.07
N GLN B 56 14.32 -42.63 2.40
CA GLN B 56 15.48 -42.32 3.27
C GLN B 56 16.60 -43.34 3.01
N ARG B 57 16.26 -44.61 2.71
CA ARG B 57 17.24 -45.70 2.47
C ARG B 57 18.23 -45.24 1.38
N LEU B 58 17.73 -44.68 0.28
CA LEU B 58 18.58 -44.28 -0.85
C LEU B 58 19.12 -42.85 -0.66
N ILE B 59 18.31 -41.95 -0.10
CA ILE B 59 18.71 -40.52 0.05
C ILE B 59 19.88 -40.45 1.04
N LYS B 60 19.93 -41.33 2.04
CA LYS B 60 21.05 -41.28 3.02
C LYS B 60 22.36 -41.57 2.30
N GLU B 61 22.33 -42.43 1.27
CA GLU B 61 23.53 -42.70 0.44
C GLU B 61 23.86 -41.51 -0.45
N ALA B 62 22.86 -40.91 -1.08
CA ALA B 62 23.04 -39.77 -1.99
C ALA B 62 23.68 -38.61 -1.22
N CYS B 63 23.44 -38.51 0.09
CA CYS B 63 23.96 -37.39 0.93
C CYS B 63 25.40 -37.65 1.42
N ASP B 64 26.01 -38.75 0.97
CA ASP B 64 27.42 -39.10 1.26
C ASP B 64 28.31 -38.19 0.42
N GLU B 65 28.94 -37.19 1.02
CA GLU B 65 29.76 -36.18 0.28
C GLU B 65 31.03 -36.82 -0.31
N SER B 66 31.46 -38.01 0.16
CA SER B 66 32.64 -38.70 -0.44
C SER B 66 32.26 -39.26 -1.82
N ARG B 67 30.97 -39.47 -2.09
CA ARG B 67 30.53 -40.15 -3.35
C ARG B 67 29.71 -39.19 -4.24
N PHE B 68 29.04 -38.17 -3.68
CA PHE B 68 28.10 -37.29 -4.42
C PHE B 68 28.36 -35.82 -4.05
N ASP B 69 28.28 -34.95 -5.04
CA ASP B 69 28.40 -33.49 -4.85
C ASP B 69 27.13 -32.82 -5.37
N LYS B 70 26.84 -31.60 -4.94
CA LYS B 70 25.68 -30.83 -5.45
C LYS B 70 25.80 -30.72 -6.96
N ASN B 71 24.69 -30.99 -7.64
CA ASN B 71 24.52 -30.81 -9.09
C ASN B 71 23.66 -29.56 -9.35
N LEU B 72 23.93 -28.84 -10.43
CA LEU B 72 22.96 -27.84 -10.95
C LEU B 72 21.97 -28.62 -11.80
N SER B 73 20.77 -28.81 -11.29
CA SER B 73 19.64 -29.42 -12.02
C SER B 73 19.36 -28.54 -13.24
N GLN B 74 18.55 -29.01 -14.17
CA GLN B 74 18.23 -28.19 -15.35
C GLN B 74 17.64 -26.85 -14.88
N ALA B 75 16.79 -26.86 -13.86
CA ALA B 75 16.16 -25.66 -13.27
C ALA B 75 17.24 -24.65 -12.83
N LEU B 76 18.26 -25.10 -12.10
CA LEU B 76 19.30 -24.18 -11.57
C LEU B 76 20.15 -23.64 -12.73
N LYS B 77 20.38 -24.44 -13.78
CA LYS B 77 21.16 -23.98 -14.96
C LYS B 77 20.44 -22.80 -15.61
N PHE B 78 19.11 -22.83 -15.68
CA PHE B 78 18.31 -21.73 -16.28
C PHE B 78 18.37 -20.53 -15.33
N VAL B 79 18.25 -20.76 -14.02
CA VAL B 79 18.31 -19.67 -13.02
C VAL B 79 19.70 -19.01 -13.03
N ARG B 80 20.75 -19.76 -13.35
CA ARG B 80 22.14 -19.22 -13.40
C ARG B 80 22.27 -18.09 -14.44
N ASP B 81 21.39 -18.01 -15.42
CA ASP B 81 21.37 -16.88 -16.39
C ASP B 81 21.21 -15.53 -15.67
N PHE B 82 20.57 -15.48 -14.50
CA PHE B 82 20.48 -14.21 -13.73
C PHE B 82 21.09 -14.33 -12.32
N ALA B 83 21.29 -15.54 -11.78
CA ALA B 83 21.90 -15.74 -10.44
C ALA B 83 23.40 -16.01 -10.56
N GLY B 84 23.91 -16.21 -11.78
CA GLY B 84 25.36 -16.38 -12.05
C GLY B 84 26.05 -17.37 -11.13
N ASP B 85 27.21 -16.99 -10.61
CA ASP B 85 27.98 -17.85 -9.68
C ASP B 85 27.79 -17.32 -8.26
N GLY B 86 26.58 -16.88 -7.95
CA GLY B 86 26.11 -16.73 -6.56
C GLY B 86 26.16 -18.07 -5.83
N LEU B 87 25.95 -18.06 -4.52
CA LEU B 87 26.12 -19.27 -3.69
C LEU B 87 25.22 -20.41 -4.19
N PHE B 88 23.98 -20.10 -4.62
CA PHE B 88 22.96 -21.14 -4.92
C PHE B 88 23.30 -21.84 -6.23
N THR B 89 23.80 -21.11 -7.23
CA THR B 89 23.94 -21.63 -8.61
C THR B 89 25.42 -21.82 -8.97
N SER B 90 26.32 -21.90 -7.98
CA SER B 90 27.75 -22.19 -8.22
C SER B 90 28.04 -23.68 -7.93
N TRP B 91 29.01 -24.25 -8.62
CA TRP B 91 29.51 -25.61 -8.34
C TRP B 91 30.42 -25.52 -7.13
N THR B 92 30.48 -26.58 -6.34
CA THR B 92 31.27 -26.63 -5.08
C THR B 92 32.73 -26.34 -5.40
N HIS B 93 33.20 -26.77 -6.57
CA HIS B 93 34.64 -26.70 -6.97
C HIS B 93 34.95 -25.33 -7.61
N GLU B 94 33.98 -24.45 -7.87
CA GLU B 94 34.26 -23.10 -8.41
C GLU B 94 34.88 -22.27 -7.28
N LYS B 95 35.96 -21.55 -7.59
CA LYS B 95 36.66 -20.67 -6.61
C LYS B 95 35.65 -19.78 -5.88
N ASN B 96 34.69 -19.21 -6.60
CA ASN B 96 33.74 -18.23 -6.03
C ASN B 96 32.73 -18.89 -5.10
N TRP B 97 32.50 -20.19 -5.16
CA TRP B 97 31.63 -20.83 -4.13
C TRP B 97 32.31 -20.74 -2.75
N LYS B 98 33.50 -21.31 -2.61
CA LYS B 98 34.15 -21.38 -1.25
C LYS B 98 34.49 -19.96 -0.79
N LYS B 99 34.89 -19.08 -1.70
CA LYS B 99 35.27 -17.69 -1.35
C LYS B 99 34.06 -16.96 -0.75
N ALA B 100 32.94 -16.97 -1.48
CA ALA B 100 31.66 -16.34 -1.04
C ALA B 100 31.17 -17.03 0.24
N HIS B 101 31.28 -18.35 0.33
CA HIS B 101 30.85 -19.13 1.52
C HIS B 101 31.62 -18.64 2.75
N ASN B 102 32.95 -18.56 2.64
CA ASN B 102 33.79 -18.13 3.79
C ASN B 102 33.46 -16.68 4.17
N ILE B 103 33.22 -15.79 3.20
CA ILE B 103 32.96 -14.35 3.48
C ILE B 103 31.58 -14.20 4.11
N LEU B 104 30.61 -14.97 3.64
CA LEU B 104 29.20 -14.82 4.07
C LEU B 104 28.85 -15.62 5.31
N LEU B 105 29.56 -16.68 5.68
CA LEU B 105 29.20 -17.46 6.89
C LEU B 105 29.08 -16.54 8.11
N PRO B 106 30.08 -15.67 8.40
CA PRO B 106 30.01 -14.79 9.58
C PRO B 106 28.90 -13.73 9.50
N SER B 107 28.33 -13.46 8.31
CA SER B 107 27.13 -12.60 8.10
C SER B 107 25.86 -13.30 8.60
N PHE B 108 25.95 -14.54 9.08
CA PHE B 108 24.85 -15.31 9.71
C PHE B 108 25.27 -15.75 11.13
N SER B 109 26.24 -15.06 11.74
CA SER B 109 26.63 -15.21 13.17
C SER B 109 25.49 -14.68 14.05
N GLN B 110 25.49 -15.06 15.34
CA GLN B 110 24.49 -14.54 16.31
C GLN B 110 24.55 -13.01 16.34
N GLN B 111 25.73 -12.42 16.31
CA GLN B 111 25.92 -10.94 16.32
C GLN B 111 25.22 -10.34 15.10
N ALA B 112 25.40 -10.92 13.91
CA ALA B 112 24.76 -10.45 12.66
C ALA B 112 23.23 -10.64 12.79
N MET B 113 22.79 -11.79 13.30
CA MET B 113 21.35 -12.14 13.46
C MET B 113 20.70 -11.13 14.42
N LYS B 114 21.39 -10.68 15.46
CA LYS B 114 20.86 -9.64 16.38
C LYS B 114 20.61 -8.33 15.61
N GLY B 115 21.46 -7.99 14.65
CA GLY B 115 21.29 -6.82 13.77
C GLY B 115 20.14 -7.00 12.80
N TYR B 116 20.01 -8.19 12.21
CA TYR B 116 18.90 -8.46 11.26
C TYR B 116 17.57 -8.42 12.00
N HIS B 117 17.56 -8.81 13.27
CA HIS B 117 16.33 -8.90 14.10
C HIS B 117 15.55 -7.59 14.07
N ALA B 118 16.21 -6.44 14.27
CA ALA B 118 15.58 -5.11 14.33
C ALA B 118 14.84 -4.84 13.01
N MET B 119 15.44 -5.21 11.87
CA MET B 119 14.88 -4.99 10.51
C MET B 119 13.71 -5.97 10.28
N MET B 120 13.83 -7.22 10.76
CA MET B 120 12.73 -8.22 10.69
C MET B 120 11.53 -7.69 11.46
N VAL B 121 11.75 -7.13 12.65
CA VAL B 121 10.65 -6.59 13.50
C VAL B 121 9.96 -5.45 12.74
N ASP B 122 10.72 -4.61 12.07
CA ASP B 122 10.18 -3.46 11.30
C ASP B 122 9.10 -3.98 10.35
N ILE B 123 9.43 -5.01 9.58
CA ILE B 123 8.49 -5.58 8.56
C ILE B 123 7.38 -6.36 9.27
N ALA B 124 7.67 -7.11 10.32
CA ALA B 124 6.67 -7.91 11.05
C ALA B 124 5.61 -6.98 11.65
N VAL B 125 6.03 -5.85 12.24
CA VAL B 125 5.08 -4.84 12.78
C VAL B 125 4.20 -4.31 11.62
N GLN B 126 4.74 -4.11 10.42
CA GLN B 126 3.91 -3.65 9.26
C GLN B 126 2.84 -4.69 8.96
N LEU B 127 3.17 -5.98 8.99
CA LEU B 127 2.16 -7.04 8.76
C LEU B 127 1.09 -6.98 9.86
N VAL B 128 1.47 -6.95 11.14
CA VAL B 128 0.49 -6.92 12.25
C VAL B 128 -0.39 -5.67 12.09
N GLN B 129 0.20 -4.50 11.84
CA GLN B 129 -0.59 -3.25 11.66
C GLN B 129 -1.56 -3.40 10.49
N LYS B 130 -1.13 -3.97 9.35
CA LYS B 130 -2.04 -4.17 8.20
C LYS B 130 -3.29 -4.96 8.67
N TRP B 131 -3.10 -6.07 9.36
CA TRP B 131 -4.20 -6.97 9.80
C TRP B 131 -5.03 -6.30 10.88
N GLU B 132 -4.42 -5.58 11.81
CA GLU B 132 -5.19 -4.78 12.82
C GLU B 132 -6.12 -3.76 12.12
N ARG B 133 -5.79 -3.29 10.93
CA ARG B 133 -6.47 -2.16 10.28
C ARG B 133 -7.54 -2.66 9.30
N LEU B 134 -7.73 -3.98 9.19
CA LEU B 134 -8.78 -4.52 8.29
C LEU B 134 -10.17 -4.22 8.91
N ASN B 135 -11.17 -4.02 8.06
CA ASN B 135 -12.55 -3.83 8.53
C ASN B 135 -13.15 -5.21 8.83
N ALA B 136 -14.26 -5.25 9.55
CA ALA B 136 -14.85 -6.50 10.08
C ALA B 136 -15.18 -7.46 8.93
N ASP B 137 -15.62 -6.98 7.77
CA ASP B 137 -16.12 -7.88 6.67
C ASP B 137 -14.94 -8.49 5.88
N GLU B 138 -13.69 -8.26 6.24
CA GLU B 138 -12.57 -8.39 5.28
C GLU B 138 -11.77 -9.65 5.61
N HIS B 139 -11.04 -10.20 4.65
CA HIS B 139 -10.21 -11.40 4.86
C HIS B 139 -8.76 -11.08 4.52
N ILE B 140 -7.88 -11.98 4.92
CA ILE B 140 -6.43 -11.96 4.63
C ILE B 140 -6.13 -12.90 3.47
N GLU B 141 -5.38 -12.40 2.49
CA GLU B 141 -4.76 -13.21 1.41
C GLU B 141 -3.40 -13.67 1.94
N VAL B 142 -3.32 -14.91 2.42
CA VAL B 142 -2.16 -15.35 3.26
C VAL B 142 -0.87 -15.37 2.46
N PRO B 143 -0.74 -16.13 1.36
CA PRO B 143 0.54 -16.19 0.65
C PRO B 143 0.96 -14.83 0.10
N GLU B 144 0.01 -13.99 -0.31
CA GLU B 144 0.24 -12.61 -0.80
C GLU B 144 0.91 -11.80 0.31
N ASP B 145 0.33 -11.82 1.52
CA ASP B 145 0.88 -11.01 2.63
C ASP B 145 2.20 -11.62 3.11
N MET B 146 2.33 -12.95 3.12
CA MET B 146 3.60 -13.55 3.58
C MET B 146 4.71 -13.19 2.59
N THR B 147 4.44 -13.20 1.28
CA THR B 147 5.44 -12.82 0.25
C THR B 147 5.83 -11.35 0.44
N ARG B 148 4.86 -10.46 0.68
CA ARG B 148 5.13 -9.03 0.94
C ARG B 148 6.13 -8.97 2.10
N LEU B 149 5.85 -9.74 3.16
CA LEU B 149 6.71 -9.69 4.38
C LEU B 149 8.11 -10.21 4.08
N THR B 150 8.27 -11.40 3.50
CA THR B 150 9.61 -12.07 3.45
C THR B 150 10.46 -11.33 2.40
N LEU B 151 9.87 -10.85 1.32
CA LEU B 151 10.62 -10.05 0.31
C LEU B 151 11.13 -8.77 0.97
N ASP B 152 10.28 -8.06 1.69
CA ASP B 152 10.66 -6.77 2.31
C ASP B 152 11.78 -7.04 3.34
N THR B 153 11.67 -8.13 4.10
CA THR B 153 12.67 -8.49 5.14
C THR B 153 14.05 -8.67 4.50
N ILE B 154 14.13 -9.46 3.42
CA ILE B 154 15.45 -9.73 2.81
C ILE B 154 15.93 -8.47 2.10
N GLY B 155 15.04 -7.66 1.52
CA GLY B 155 15.44 -6.40 0.87
C GLY B 155 16.12 -5.48 1.86
N LEU B 156 15.57 -5.37 3.07
CA LEU B 156 16.13 -4.54 4.15
C LEU B 156 17.44 -5.18 4.68
N CYS B 157 17.41 -6.47 5.01
CA CYS B 157 18.60 -7.21 5.52
C CYS B 157 19.66 -7.38 4.44
N GLY B 158 19.28 -7.48 3.16
CA GLY B 158 20.23 -7.74 2.06
C GLY B 158 21.00 -6.49 1.69
N PHE B 159 20.33 -5.38 1.45
CA PHE B 159 20.98 -4.16 0.91
C PHE B 159 20.28 -2.88 1.40
N ASN B 160 19.61 -2.93 2.55
CA ASN B 160 19.00 -1.72 3.18
C ASN B 160 18.10 -1.05 2.14
N TYR B 161 17.34 -1.83 1.37
CA TYR B 161 16.44 -1.34 0.31
C TYR B 161 15.00 -1.72 0.68
N ARG B 162 14.10 -0.75 0.59
CA ARG B 162 12.67 -0.95 0.94
C ARG B 162 11.86 -1.18 -0.33
N PHE B 163 11.39 -2.40 -0.54
CA PHE B 163 10.43 -2.73 -1.62
C PHE B 163 9.06 -2.11 -1.31
N ASN B 164 8.76 -1.84 -0.05
CA ASN B 164 7.51 -1.19 0.41
C ASN B 164 6.31 -1.98 -0.14
N SER B 165 6.41 -3.31 -0.05
CA SER B 165 5.40 -4.25 -0.59
C SER B 165 4.03 -4.00 0.06
N PHE B 166 3.99 -3.57 1.31
CA PHE B 166 2.70 -3.32 2.01
C PHE B 166 2.04 -1.99 1.57
N TYR B 167 2.68 -1.20 0.71
CA TYR B 167 2.15 0.08 0.17
C TYR B 167 1.65 -0.13 -1.25
N ARG B 168 1.61 -1.37 -1.72
CA ARG B 168 1.43 -1.71 -3.16
C ARG B 168 0.43 -2.85 -3.31
N ASP B 169 -0.40 -2.80 -4.36
CA ASP B 169 -1.28 -3.92 -4.80
C ASP B 169 -0.57 -4.74 -5.88
N GLN B 170 0.10 -4.04 -6.80
CA GLN B 170 0.94 -4.62 -7.88
C GLN B 170 2.39 -4.58 -7.43
N PRO B 171 3.23 -5.60 -7.76
CA PRO B 171 4.61 -5.64 -7.32
C PRO B 171 5.47 -4.44 -7.79
N HIS B 172 6.49 -4.10 -7.00
CA HIS B 172 7.65 -3.25 -7.39
C HIS B 172 8.14 -3.69 -8.78
N PRO B 173 8.52 -2.76 -9.69
CA PRO B 173 8.93 -3.13 -11.05
C PRO B 173 10.06 -4.17 -11.09
N PHE B 174 11.01 -4.06 -10.16
CA PHE B 174 12.14 -5.02 -9.99
C PHE B 174 11.58 -6.43 -9.77
N ILE B 175 10.59 -6.55 -8.89
CA ILE B 175 9.99 -7.86 -8.51
C ILE B 175 9.18 -8.41 -9.68
N THR B 176 8.51 -7.56 -10.48
CA THR B 176 7.78 -8.02 -11.70
C THR B 176 8.79 -8.78 -12.59
N SER B 177 9.93 -8.13 -12.87
CA SER B 177 11.04 -8.71 -13.68
C SER B 177 11.59 -9.98 -13.04
N MET B 178 11.84 -9.98 -11.72
CA MET B 178 12.40 -11.16 -11.01
C MET B 178 11.44 -12.34 -11.16
N VAL B 179 10.14 -12.12 -10.92
CA VAL B 179 9.12 -13.20 -10.92
C VAL B 179 8.95 -13.75 -12.35
N ARG B 180 9.00 -12.88 -13.34
CA ARG B 180 8.83 -13.26 -14.78
C ARG B 180 10.07 -14.01 -15.24
N ALA B 181 11.26 -13.61 -14.76
CA ALA B 181 12.54 -14.29 -15.04
C ALA B 181 12.49 -15.70 -14.45
N LEU B 182 12.04 -15.85 -13.21
CA LEU B 182 11.88 -17.18 -12.54
C LEU B 182 10.88 -18.04 -13.31
N ASP B 183 9.80 -17.43 -13.79
CA ASP B 183 8.72 -18.15 -14.50
C ASP B 183 9.29 -18.66 -15.84
N GLU B 184 10.07 -17.83 -16.52
CA GLU B 184 10.71 -18.19 -17.81
C GLU B 184 11.67 -19.37 -17.57
N ALA B 185 12.48 -19.31 -16.51
CA ALA B 185 13.40 -20.40 -16.15
C ALA B 185 12.62 -21.71 -16.00
N MET B 186 11.50 -21.70 -15.26
CA MET B 186 10.75 -22.96 -15.01
C MET B 186 10.00 -23.39 -16.27
N ASN B 187 9.56 -22.45 -17.10
CA ASN B 187 8.81 -22.76 -18.35
C ASN B 187 9.76 -23.46 -19.33
N LYS B 188 11.03 -23.05 -19.39
CA LYS B 188 12.05 -23.66 -20.29
C LYS B 188 12.18 -25.16 -20.01
N LEU B 189 11.83 -25.66 -18.82
CA LEU B 189 11.99 -27.10 -18.47
C LEU B 189 11.16 -28.02 -19.38
N GLN B 190 9.99 -27.58 -19.86
CA GLN B 190 9.05 -28.46 -20.62
C GLN B 190 9.21 -28.28 -22.14
N ARG B 191 10.03 -27.34 -22.61
CA ARG B 191 10.16 -27.04 -24.06
C ARG B 191 10.96 -28.12 -24.78
N ALA B 192 10.26 -28.93 -25.59
CA ALA B 192 10.85 -29.91 -26.54
C ALA B 192 11.93 -29.21 -27.39
N ASN B 193 11.59 -28.08 -28.02
CA ASN B 193 12.52 -27.34 -28.92
C ASN B 193 12.65 -25.91 -28.41
N PRO B 194 13.64 -25.62 -27.53
CA PRO B 194 13.80 -24.27 -26.98
C PRO B 194 14.15 -23.20 -28.04
N ASP B 195 14.56 -23.64 -29.24
CA ASP B 195 15.02 -22.76 -30.36
C ASP B 195 13.86 -22.40 -31.29
N ASP B 196 12.69 -22.99 -31.06
CA ASP B 196 11.46 -22.67 -31.86
C ASP B 196 11.27 -21.16 -31.88
N PRO B 197 11.04 -20.53 -33.05
CA PRO B 197 10.86 -19.07 -33.10
C PRO B 197 9.66 -18.58 -32.26
N ALA B 198 8.72 -19.47 -31.94
CA ALA B 198 7.57 -19.24 -31.02
C ALA B 198 8.06 -18.66 -29.68
N TYR B 199 9.31 -18.92 -29.27
CA TYR B 199 9.88 -18.53 -27.96
C TYR B 199 10.77 -17.28 -28.10
N ASP B 200 10.86 -16.67 -29.28
CA ASP B 200 11.64 -15.42 -29.50
C ASP B 200 11.16 -14.32 -28.52
N GLU B 201 9.86 -14.19 -28.30
CA GLU B 201 9.28 -13.14 -27.41
C GLU B 201 9.71 -13.41 -25.98
N ASN B 202 9.63 -14.68 -25.56
CA ASN B 202 10.00 -15.14 -24.20
C ASN B 202 11.46 -14.76 -23.93
N LYS B 203 12.33 -14.95 -24.92
CA LYS B 203 13.80 -14.71 -24.80
C LYS B 203 14.06 -13.21 -24.73
N ARG B 204 13.34 -12.40 -25.52
CA ARG B 204 13.49 -10.92 -25.52
C ARG B 204 13.08 -10.40 -24.14
N GLN B 205 11.96 -10.89 -23.61
CA GLN B 205 11.41 -10.46 -22.29
C GLN B 205 12.45 -10.84 -21.21
N PHE B 206 13.02 -12.05 -21.30
CA PHE B 206 13.98 -12.60 -20.33
C PHE B 206 15.18 -11.66 -20.23
N GLN B 207 15.72 -11.23 -21.37
CA GLN B 207 16.92 -10.35 -21.41
C GLN B 207 16.57 -8.97 -20.82
N GLU B 208 15.34 -8.51 -21.04
CA GLU B 208 14.84 -7.21 -20.48
C GLU B 208 14.76 -7.34 -18.95
N ASP B 209 14.16 -8.43 -18.47
CA ASP B 209 13.99 -8.71 -17.02
C ASP B 209 15.37 -8.79 -16.34
N ILE B 210 16.36 -9.43 -16.98
CA ILE B 210 17.73 -9.53 -16.41
C ILE B 210 18.33 -8.14 -16.29
N LYS B 211 18.16 -7.29 -17.31
CA LYS B 211 18.70 -5.90 -17.33
C LYS B 211 18.07 -5.10 -16.18
N VAL B 212 16.75 -5.24 -15.98
CA VAL B 212 16.04 -4.51 -14.89
C VAL B 212 16.68 -4.88 -13.55
N MET B 213 16.85 -6.19 -13.29
CA MET B 213 17.40 -6.69 -12.00
C MET B 213 18.84 -6.21 -11.83
N ASN B 214 19.67 -6.36 -12.87
CA ASN B 214 21.11 -5.97 -12.80
C ASN B 214 21.22 -4.46 -12.54
N ASP B 215 20.47 -3.65 -13.29
CA ASP B 215 20.58 -2.16 -13.27
C ASP B 215 20.31 -1.67 -11.84
N LEU B 216 19.23 -2.13 -11.21
CA LEU B 216 18.86 -1.71 -9.83
C LEU B 216 19.98 -2.13 -8.86
N VAL B 217 20.34 -3.43 -8.84
CA VAL B 217 21.33 -4.00 -7.89
C VAL B 217 22.68 -3.32 -8.10
N ASP B 218 23.17 -3.18 -9.34
CA ASP B 218 24.52 -2.59 -9.61
C ASP B 218 24.53 -1.13 -9.17
N LYS B 219 23.42 -0.40 -9.32
CA LYS B 219 23.29 1.02 -8.88
C LYS B 219 23.43 1.08 -7.36
N ILE B 220 22.74 0.17 -6.66
CA ILE B 220 22.75 0.17 -5.18
C ILE B 220 24.18 -0.09 -4.70
N ILE B 221 24.89 -1.03 -5.34
CA ILE B 221 26.28 -1.39 -4.95
C ILE B 221 27.18 -0.17 -5.20
N ALA B 222 27.08 0.46 -6.39
CA ALA B 222 27.88 1.65 -6.76
C ALA B 222 27.58 2.82 -5.80
N ASP B 223 26.31 3.06 -5.48
CA ASP B 223 25.86 4.14 -4.55
C ASP B 223 26.46 3.92 -3.16
N ARG B 224 26.42 2.68 -2.66
CA ARG B 224 26.94 2.31 -1.33
C ARG B 224 28.45 2.54 -1.31
N LYS B 225 29.17 2.11 -2.35
CA LYS B 225 30.64 2.23 -2.45
C LYS B 225 31.02 3.71 -2.44
N ALA B 226 30.27 4.55 -3.15
CA ALA B 226 30.54 6.00 -3.33
C ALA B 226 30.31 6.72 -2.00
N SER B 227 29.26 6.37 -1.26
CA SER B 227 28.84 7.09 -0.02
C SER B 227 29.77 6.67 1.13
N GLY B 228 30.26 5.42 1.12
CA GLY B 228 31.08 4.82 2.21
C GLY B 228 30.26 4.50 3.46
N GLU B 229 28.94 4.57 3.37
CA GLU B 229 27.98 4.38 4.50
C GLU B 229 28.06 2.91 4.97
N GLN B 230 28.09 2.67 6.28
CA GLN B 230 28.13 1.32 6.89
C GLN B 230 26.77 1.05 7.52
N SER B 231 26.08 -0.01 7.06
CA SER B 231 24.76 -0.47 7.57
C SER B 231 24.91 -1.87 8.21
N ASP B 232 23.84 -2.41 8.78
CA ASP B 232 23.80 -3.76 9.41
C ASP B 232 23.42 -4.82 8.38
N ASP B 233 23.70 -4.57 7.09
CA ASP B 233 23.16 -5.39 5.99
C ASP B 233 24.26 -6.28 5.39
N LEU B 234 23.82 -7.27 4.62
CA LEU B 234 24.74 -8.26 3.99
C LEU B 234 25.67 -7.53 3.02
N LEU B 235 25.18 -6.50 2.35
CA LEU B 235 25.97 -5.73 1.37
C LEU B 235 27.21 -5.15 2.05
N THR B 236 27.06 -4.57 3.23
CA THR B 236 28.21 -4.01 4.01
C THR B 236 29.21 -5.14 4.26
N HIS B 237 28.73 -6.28 4.78
CA HIS B 237 29.59 -7.46 5.07
C HIS B 237 30.33 -7.88 3.80
N MET B 238 29.67 -7.87 2.64
CA MET B 238 30.26 -8.29 1.35
C MET B 238 31.21 -7.22 0.79
N LEU B 239 30.99 -5.94 1.06
CA LEU B 239 31.92 -4.90 0.56
C LEU B 239 33.20 -4.89 1.41
N ASN B 240 33.13 -5.29 2.68
CA ASN B 240 34.26 -5.23 3.64
C ASN B 240 34.96 -6.59 3.80
N GLY B 241 34.30 -7.69 3.47
CA GLY B 241 34.77 -9.03 3.87
C GLY B 241 35.95 -9.48 3.05
N LYS B 242 36.85 -10.24 3.65
CA LYS B 242 37.98 -10.89 2.96
C LYS B 242 37.90 -12.38 3.24
N ASP B 243 38.09 -13.19 2.22
CA ASP B 243 38.13 -14.66 2.42
C ASP B 243 39.40 -15.00 3.16
N PRO B 244 39.36 -15.65 4.35
CA PRO B 244 40.59 -16.01 5.05
C PRO B 244 41.50 -16.94 4.22
N GLU B 245 40.95 -17.75 3.32
CA GLU B 245 41.74 -18.73 2.51
C GLU B 245 42.51 -17.99 1.42
N THR B 246 41.82 -17.40 0.44
CA THR B 246 42.45 -16.67 -0.70
C THR B 246 42.90 -15.26 -0.27
N GLY B 247 42.33 -14.69 0.79
CA GLY B 247 42.62 -13.32 1.24
C GLY B 247 41.94 -12.28 0.35
N GLU B 248 41.13 -12.74 -0.62
CA GLU B 248 40.48 -11.87 -1.61
C GLU B 248 39.08 -11.43 -1.12
N PRO B 249 38.64 -10.22 -1.51
CA PRO B 249 37.23 -9.83 -1.34
C PRO B 249 36.43 -10.33 -2.55
N LEU B 250 35.10 -10.30 -2.47
CA LEU B 250 34.22 -10.60 -3.62
C LEU B 250 34.31 -9.40 -4.58
N ASP B 251 34.28 -9.64 -5.89
CA ASP B 251 34.21 -8.54 -6.89
C ASP B 251 32.75 -8.11 -7.02
N ASP B 252 32.50 -6.90 -7.54
CA ASP B 252 31.18 -6.22 -7.57
C ASP B 252 30.18 -7.09 -8.33
N GLU B 253 30.61 -7.78 -9.37
CA GLU B 253 29.72 -8.64 -10.19
C GLU B 253 29.19 -9.81 -9.35
N ASN B 254 30.08 -10.49 -8.63
CA ASN B 254 29.68 -11.63 -7.76
C ASN B 254 28.75 -11.11 -6.65
N ILE B 255 29.03 -9.93 -6.08
CA ILE B 255 28.19 -9.32 -5.02
C ILE B 255 26.77 -9.15 -5.58
N ARG B 256 26.66 -8.68 -6.82
CA ARG B 256 25.34 -8.51 -7.47
C ARG B 256 24.64 -9.88 -7.54
N TYR B 257 25.32 -10.94 -7.98
CA TYR B 257 24.73 -12.30 -8.06
C TYR B 257 24.30 -12.77 -6.66
N GLN B 258 25.11 -12.48 -5.62
CA GLN B 258 24.71 -12.84 -4.24
C GLN B 258 23.40 -12.11 -3.86
N ILE B 259 23.30 -10.79 -4.15
CA ILE B 259 22.09 -10.00 -3.80
C ILE B 259 20.88 -10.57 -4.52
N ILE B 260 20.97 -10.81 -5.83
CA ILE B 260 19.86 -11.43 -6.60
C ILE B 260 19.50 -12.79 -5.98
N THR B 261 20.49 -13.61 -5.64
CA THR B 261 20.31 -14.95 -5.03
C THR B 261 19.49 -14.82 -3.73
N PHE B 262 19.95 -13.95 -2.83
CA PHE B 262 19.27 -13.71 -1.54
C PHE B 262 17.83 -13.22 -1.74
N LEU B 263 17.60 -12.30 -2.68
CA LEU B 263 16.26 -11.73 -2.91
C LEU B 263 15.33 -12.83 -3.41
N ILE B 264 15.80 -13.68 -4.31
CA ILE B 264 14.99 -14.81 -4.83
C ILE B 264 14.64 -15.74 -3.67
N ALA B 265 15.64 -16.14 -2.89
CA ALA B 265 15.43 -16.96 -1.66
C ALA B 265 14.36 -16.33 -0.76
N GLY B 266 14.46 -15.06 -0.37
CA GLY B 266 13.48 -14.47 0.56
C GLY B 266 12.06 -14.44 -0.01
N HIS B 267 11.90 -13.95 -1.23
CA HIS B 267 10.59 -13.92 -1.95
C HIS B 267 9.97 -15.34 -1.97
N GLU B 268 10.76 -16.41 -2.16
CA GLU B 268 10.23 -17.71 -2.62
C GLU B 268 10.03 -18.67 -1.43
N THR B 269 11.00 -18.78 -0.52
CA THR B 269 11.08 -19.93 0.41
C THR B 269 10.36 -19.62 1.71
N THR B 270 10.77 -18.57 2.43
CA THR B 270 10.25 -18.30 3.79
C THR B 270 8.76 -17.97 3.70
N SER B 271 8.31 -17.32 2.64
CA SER B 271 6.88 -16.97 2.47
C SER B 271 6.04 -18.26 2.36
N GLY B 272 6.54 -19.25 1.63
CA GLY B 272 5.93 -20.57 1.51
C GLY B 272 5.77 -21.22 2.86
N LEU B 273 6.85 -21.23 3.63
CA LEU B 273 6.85 -21.85 4.97
C LEU B 273 5.78 -21.19 5.83
N LEU B 274 5.78 -19.86 5.92
CA LEU B 274 4.81 -19.15 6.81
C LEU B 274 3.36 -19.46 6.36
N SER B 275 3.10 -19.48 5.05
CA SER B 275 1.77 -19.77 4.48
C SER B 275 1.34 -21.20 4.85
N PHE B 276 2.22 -22.19 4.67
CA PHE B 276 1.93 -23.62 5.02
C PHE B 276 1.74 -23.77 6.53
N ALA B 277 2.60 -23.13 7.32
CA ALA B 277 2.49 -23.15 8.80
C ALA B 277 1.10 -22.63 9.22
N LEU B 278 0.64 -21.50 8.66
CA LEU B 278 -0.68 -20.94 9.08
C LEU B 278 -1.79 -21.87 8.60
N TYR B 279 -1.64 -22.46 7.41
CA TYR B 279 -2.59 -23.47 6.89
C TYR B 279 -2.76 -24.60 7.91
N PHE B 280 -1.66 -25.19 8.35
CA PHE B 280 -1.68 -26.35 9.26
C PHE B 280 -2.24 -25.92 10.63
N LEU B 281 -1.91 -24.72 11.09
CA LEU B 281 -2.44 -24.25 12.42
C LEU B 281 -3.97 -24.14 12.35
N VAL B 282 -4.53 -23.52 11.31
CA VAL B 282 -6.01 -23.32 11.28
C VAL B 282 -6.68 -24.68 11.05
N LYS B 283 -6.02 -25.67 10.45
CA LYS B 283 -6.62 -27.02 10.25
C LYS B 283 -6.44 -27.88 11.49
N ASN B 284 -5.63 -27.46 12.46
CA ASN B 284 -5.28 -28.26 13.66
C ASN B 284 -5.36 -27.35 14.88
N PRO B 285 -6.58 -26.96 15.31
CA PRO B 285 -6.77 -25.94 16.34
C PRO B 285 -6.13 -26.24 17.69
N HIS B 286 -5.98 -27.53 18.07
CA HIS B 286 -5.27 -27.91 19.32
C HIS B 286 -3.81 -27.43 19.21
N VAL B 287 -3.22 -27.56 18.02
CA VAL B 287 -1.81 -27.15 17.79
C VAL B 287 -1.74 -25.62 17.81
N LEU B 288 -2.69 -24.95 17.16
CA LEU B 288 -2.79 -23.47 17.15
C LEU B 288 -2.86 -23.00 18.60
N GLN B 289 -3.65 -23.66 19.43
CA GLN B 289 -3.86 -23.19 20.82
C GLN B 289 -2.53 -23.31 21.62
N LYS B 290 -1.85 -24.44 21.48
CA LYS B 290 -0.56 -24.70 22.17
C LYS B 290 0.45 -23.64 21.74
N ALA B 291 0.54 -23.36 20.44
CA ALA B 291 1.47 -22.34 19.89
C ALA B 291 1.10 -20.94 20.40
N ALA B 292 -0.19 -20.59 20.43
CA ALA B 292 -0.68 -19.27 20.90
C ALA B 292 -0.39 -19.12 22.41
N GLU B 293 -0.52 -20.19 23.17
CA GLU B 293 -0.20 -20.11 24.63
C GLU B 293 1.29 -19.81 24.81
N GLU B 294 2.15 -20.44 24.02
CA GLU B 294 3.61 -20.17 24.08
C GLU B 294 3.89 -18.72 23.68
N ALA B 295 3.30 -18.25 22.58
CA ALA B 295 3.49 -16.86 22.09
C ALA B 295 3.10 -15.88 23.21
N ALA B 296 1.94 -16.08 23.85
CA ALA B 296 1.40 -15.19 24.92
C ALA B 296 2.32 -15.20 26.15
N ARG B 297 2.85 -16.37 26.53
CA ARG B 297 3.73 -16.53 27.71
CA ARG B 297 3.74 -16.54 27.71
C ARG B 297 5.10 -15.87 27.46
N VAL B 298 5.63 -15.99 26.25
CA VAL B 298 7.04 -15.59 25.98
C VAL B 298 7.10 -14.14 25.51
N LEU B 299 6.21 -13.74 24.60
CA LEU B 299 6.31 -12.40 23.93
C LEU B 299 5.60 -11.34 24.78
N VAL B 300 6.23 -10.96 25.90
CA VAL B 300 5.58 -10.12 26.95
C VAL B 300 5.77 -8.64 26.64
N ASP B 301 6.59 -8.29 25.65
CA ASP B 301 6.90 -6.88 25.30
C ASP B 301 6.22 -6.52 23.98
N PRO B 302 5.90 -5.23 23.78
CA PRO B 302 5.28 -4.78 22.53
C PRO B 302 6.05 -5.19 21.26
N VAL B 303 7.39 -5.12 21.34
CA VAL B 303 8.34 -5.52 20.27
C VAL B 303 9.11 -6.75 20.75
N PRO B 304 9.02 -7.93 20.10
CA PRO B 304 9.85 -9.07 20.49
C PRO B 304 11.35 -8.76 20.40
N SER B 305 12.13 -9.24 21.37
CA SER B 305 13.61 -9.25 21.35
C SER B 305 14.12 -10.53 20.64
N TYR B 306 15.36 -10.47 20.18
CA TYR B 306 16.10 -11.63 19.63
C TYR B 306 16.02 -12.83 20.59
N LYS B 307 16.31 -12.63 21.87
CA LYS B 307 16.33 -13.74 22.86
C LYS B 307 14.92 -14.32 23.04
N GLN B 308 13.88 -13.49 23.01
CA GLN B 308 12.49 -13.96 23.20
C GLN B 308 12.13 -14.91 22.06
N VAL B 309 12.53 -14.55 20.84
CA VAL B 309 12.20 -15.40 19.66
C VAL B 309 12.81 -16.79 19.86
N LYS B 310 14.03 -16.87 20.41
CA LYS B 310 14.76 -18.16 20.59
C LYS B 310 14.04 -19.01 21.64
N GLN B 311 13.18 -18.41 22.47
CA GLN B 311 12.37 -19.16 23.48
C GLN B 311 11.06 -19.69 22.89
N LEU B 312 10.70 -19.36 21.64
CA LEU B 312 9.46 -19.91 21.03
C LEU B 312 9.72 -21.33 20.50
N LYS B 313 9.97 -22.27 21.40
CA LYS B 313 10.40 -23.66 21.04
C LYS B 313 9.30 -24.38 20.25
N TYR B 314 8.05 -24.31 20.72
CA TYR B 314 6.92 -25.03 20.09
C TYR B 314 6.63 -24.41 18.72
N VAL B 315 6.76 -23.09 18.60
CA VAL B 315 6.56 -22.42 17.29
C VAL B 315 7.62 -22.97 16.32
N GLY B 316 8.85 -23.13 16.80
CA GLY B 316 9.92 -23.75 15.99
C GLY B 316 9.57 -25.17 15.54
N MET B 317 8.95 -25.97 16.41
CA MET B 317 8.52 -27.35 16.06
C MET B 317 7.41 -27.28 15.00
N VAL B 318 6.49 -26.34 15.14
CA VAL B 318 5.39 -26.13 14.15
C VAL B 318 6.04 -25.87 12.78
N LEU B 319 7.02 -24.99 12.72
CA LEU B 319 7.67 -24.65 11.43
C LEU B 319 8.40 -25.88 10.88
N ASN B 320 9.07 -26.67 11.71
CA ASN B 320 9.76 -27.90 11.23
C ASN B 320 8.72 -28.89 10.70
N GLU B 321 7.56 -29.00 11.34
CA GLU B 321 6.52 -29.97 10.91
C GLU B 321 5.87 -29.48 9.62
N ALA B 322 5.76 -28.15 9.41
CA ALA B 322 5.29 -27.58 8.13
C ALA B 322 6.33 -27.88 7.04
N LEU B 323 7.62 -27.69 7.34
CA LEU B 323 8.68 -28.09 6.38
C LEU B 323 8.69 -29.60 6.12
N ARG B 324 8.32 -30.44 7.09
CA ARG B 324 8.26 -31.89 6.80
C ARG B 324 7.22 -32.13 5.71
N LEU B 325 5.99 -31.68 5.92
CA LEU B 325 4.89 -32.04 4.98
C LEU B 325 5.02 -31.25 3.67
N TRP B 326 5.41 -29.97 3.69
CA TRP B 326 5.53 -29.18 2.44
C TRP B 326 6.82 -28.37 2.43
N PRO B 327 7.96 -29.05 2.20
CA PRO B 327 9.25 -28.37 2.10
C PRO B 327 9.18 -27.43 0.89
N THR B 328 9.31 -26.13 1.11
CA THR B 328 9.01 -25.10 0.09
C THR B 328 10.06 -25.11 -1.00
N ALA B 329 11.30 -25.50 -0.70
CA ALA B 329 12.32 -25.77 -1.72
C ALA B 329 12.36 -27.28 -1.94
N PRO B 330 11.54 -27.81 -2.89
CA PRO B 330 11.13 -29.20 -2.82
C PRO B 330 12.09 -30.26 -3.39
N ALA B 331 13.24 -29.85 -3.92
CA ALA B 331 14.20 -30.79 -4.51
C ALA B 331 15.60 -30.20 -4.47
N PHE B 332 16.59 -31.08 -4.37
CA PHE B 332 18.00 -30.75 -4.67
C PHE B 332 18.59 -31.89 -5.48
N SER B 333 19.65 -31.58 -6.20
CA SER B 333 20.24 -32.46 -7.24
C SER B 333 21.68 -32.80 -6.84
N LEU B 334 22.14 -34.01 -7.18
CA LEU B 334 23.48 -34.52 -6.89
C LEU B 334 24.03 -35.19 -8.14
N TYR B 335 25.35 -35.22 -8.28
CA TYR B 335 26.00 -36.05 -9.32
C TYR B 335 26.99 -36.98 -8.62
N ALA B 336 27.20 -38.15 -9.21
CA ALA B 336 28.15 -39.17 -8.73
C ALA B 336 29.57 -38.66 -9.01
N LYS B 337 30.41 -38.59 -7.97
CA LYS B 337 31.82 -38.15 -8.10
C LYS B 337 32.63 -39.24 -8.81
N GLU B 338 32.22 -40.51 -8.70
CA GLU B 338 32.91 -41.68 -9.30
C GLU B 338 31.84 -42.72 -9.63
N ASP B 339 32.17 -43.70 -10.47
CA ASP B 339 31.36 -44.93 -10.62
C ASP B 339 31.09 -45.48 -9.22
N THR B 340 29.85 -45.87 -8.94
CA THR B 340 29.42 -46.32 -7.59
C THR B 340 28.11 -47.09 -7.74
N VAL B 341 27.72 -47.81 -6.69
CA VAL B 341 26.44 -48.57 -6.63
C VAL B 341 25.58 -47.94 -5.55
N LEU B 342 24.37 -47.51 -5.89
CA LEU B 342 23.41 -46.93 -4.91
C LEU B 342 22.57 -48.05 -4.30
N GLY B 343 22.55 -48.16 -2.97
CA GLY B 343 21.63 -49.07 -2.24
C GLY B 343 21.93 -50.55 -2.51
N GLY B 344 23.14 -50.87 -2.97
CA GLY B 344 23.57 -52.24 -3.33
C GLY B 344 22.86 -52.79 -4.55
N GLU B 345 22.11 -51.96 -5.29
CA GLU B 345 21.19 -52.43 -6.36
C GLU B 345 21.31 -51.60 -7.64
N TYR B 346 21.67 -50.31 -7.58
CA TYR B 346 21.61 -49.40 -8.76
C TYR B 346 23.01 -48.91 -9.10
N PRO B 347 23.66 -49.50 -10.14
CA PRO B 347 24.98 -49.03 -10.57
C PRO B 347 24.87 -47.64 -11.22
N LEU B 348 25.77 -46.74 -10.83
CA LEU B 348 25.86 -45.37 -11.38
C LEU B 348 27.25 -45.16 -11.99
N GLU B 349 27.31 -44.42 -13.09
CA GLU B 349 28.57 -43.96 -13.70
C GLU B 349 28.89 -42.56 -13.14
N LYS B 350 30.17 -42.24 -13.06
CA LYS B 350 30.68 -40.88 -12.79
C LYS B 350 29.83 -39.86 -13.56
N GLY B 351 29.32 -38.85 -12.89
CA GLY B 351 28.52 -37.77 -13.52
C GLY B 351 27.03 -38.04 -13.52
N ASP B 352 26.56 -39.24 -13.18
CA ASP B 352 25.11 -39.56 -13.20
C ASP B 352 24.37 -38.67 -12.19
N GLU B 353 23.22 -38.14 -12.61
CA GLU B 353 22.43 -37.17 -11.81
C GLU B 353 21.37 -37.90 -10.98
N LEU B 354 21.21 -37.45 -9.74
CA LEU B 354 20.13 -37.86 -8.81
C LEU B 354 19.32 -36.60 -8.46
N MET B 355 18.01 -36.75 -8.30
CA MET B 355 17.13 -35.69 -7.74
C MET B 355 16.54 -36.22 -6.43
N VAL B 356 16.71 -35.47 -5.35
CA VAL B 356 16.07 -35.79 -4.05
C VAL B 356 14.70 -35.12 -4.04
N LEU B 357 13.64 -35.92 -3.96
CA LEU B 357 12.25 -35.41 -3.97
C LEU B 357 11.82 -35.25 -2.51
N ILE B 358 12.09 -34.07 -1.95
CA ILE B 358 12.06 -33.87 -0.48
C ILE B 358 10.66 -34.19 0.05
N PRO B 359 9.54 -33.76 -0.59
CA PRO B 359 8.22 -34.01 0.00
C PRO B 359 7.94 -35.52 0.12
N GLN B 360 8.50 -36.33 -0.79
CA GLN B 360 8.32 -37.81 -0.75
C GLN B 360 9.19 -38.40 0.35
N LEU B 361 10.46 -38.00 0.42
CA LEU B 361 11.36 -38.40 1.52
C LEU B 361 10.60 -38.24 2.85
N HIS B 362 9.97 -37.06 3.02
CA HIS B 362 9.35 -36.65 4.31
C HIS B 362 8.05 -37.43 4.57
N ARG B 363 7.61 -38.25 3.60
CA ARG B 363 6.42 -39.13 3.72
C ARG B 363 6.85 -40.61 3.80
N ASP B 364 8.12 -40.90 4.10
CA ASP B 364 8.63 -42.29 4.17
C ASP B 364 8.04 -42.93 5.43
N LYS B 365 7.07 -43.84 5.27
CA LYS B 365 6.38 -44.43 6.46
C LYS B 365 7.36 -45.28 7.28
N THR B 366 8.46 -45.78 6.68
CA THR B 366 9.45 -46.60 7.43
C THR B 366 10.15 -45.71 8.46
N ILE B 367 10.16 -44.40 8.25
CA ILE B 367 10.80 -43.42 9.18
C ILE B 367 9.74 -42.85 10.13
N TRP B 368 8.67 -42.29 9.60
CA TRP B 368 7.74 -41.41 10.38
C TRP B 368 6.55 -42.20 10.96
N GLY B 369 6.31 -43.44 10.50
CA GLY B 369 5.16 -44.25 10.93
C GLY B 369 3.96 -44.04 10.03
N ASP B 370 2.84 -44.66 10.37
CA ASP B 370 1.63 -44.71 9.51
C ASP B 370 0.89 -43.37 9.59
N ASP B 371 1.09 -42.60 10.68
CA ASP B 371 0.48 -41.26 10.88
C ASP B 371 1.23 -40.18 10.05
N VAL B 372 1.83 -40.51 8.91
CA VAL B 372 2.85 -39.64 8.24
C VAL B 372 2.18 -38.39 7.64
N GLU B 373 0.88 -38.44 7.30
CA GLU B 373 0.15 -37.29 6.75
C GLU B 373 -0.39 -36.40 7.90
N GLU B 374 -0.30 -36.81 9.16
CA GLU B 374 -0.83 -35.99 10.28
C GLU B 374 0.18 -34.89 10.62
N PHE B 375 -0.34 -33.72 10.99
CA PHE B 375 0.45 -32.54 11.42
C PHE B 375 0.66 -32.64 12.93
N ARG B 376 1.84 -33.08 13.32
CA ARG B 376 2.18 -33.38 14.74
C ARG B 376 3.55 -32.78 15.03
N PRO B 377 3.60 -31.50 15.45
CA PRO B 377 4.88 -30.84 15.78
C PRO B 377 5.70 -31.60 16.84
N GLU B 378 5.02 -32.39 17.67
CA GLU B 378 5.65 -33.15 18.78
C GLU B 378 6.65 -34.18 18.22
N ARG B 379 6.55 -34.57 16.94
CA ARG B 379 7.61 -35.36 16.26
C ARG B 379 8.99 -34.74 16.45
N PHE B 380 9.09 -33.41 16.62
CA PHE B 380 10.36 -32.68 16.73
C PHE B 380 10.75 -32.40 18.19
N GLU B 381 10.03 -32.97 19.17
CA GLU B 381 10.42 -32.84 20.61
C GLU B 381 11.76 -33.56 20.84
N ASN B 382 12.00 -34.67 20.14
CA ASN B 382 13.23 -35.51 20.31
C ASN B 382 13.92 -35.70 18.96
N PRO B 383 14.57 -34.66 18.41
CA PRO B 383 15.16 -34.74 17.07
C PRO B 383 16.23 -35.82 16.93
N SER B 384 16.88 -36.25 18.00
CA SER B 384 17.90 -37.33 17.97
C SER B 384 17.25 -38.66 17.49
N ALA B 385 15.94 -38.82 17.66
CA ALA B 385 15.19 -40.02 17.21
C ALA B 385 15.17 -40.11 15.67
N ILE B 386 15.41 -39.00 14.95
CA ILE B 386 15.24 -38.98 13.47
C ILE B 386 16.47 -39.66 12.85
N PRO B 387 16.28 -40.71 12.03
CA PRO B 387 17.42 -41.34 11.34
C PRO B 387 18.16 -40.34 10.44
N GLN B 388 19.39 -40.70 10.10
CA GLN B 388 20.27 -39.91 9.20
C GLN B 388 19.54 -39.54 7.93
N HIS B 389 19.57 -38.25 7.55
CA HIS B 389 19.15 -37.75 6.22
C HIS B 389 17.66 -38.05 5.99
N ALA B 390 16.86 -38.18 7.03
CA ALA B 390 15.40 -38.39 6.92
C ALA B 390 14.67 -37.06 6.75
N PHE B 391 15.23 -35.96 7.27
CA PHE B 391 14.59 -34.62 7.27
C PHE B 391 15.54 -33.63 6.60
N LYS B 392 15.28 -33.25 5.36
CA LYS B 392 16.27 -32.51 4.55
C LYS B 392 15.66 -31.26 3.90
N PRO B 393 14.90 -30.42 4.62
CA PRO B 393 14.29 -29.24 4.02
C PRO B 393 15.28 -28.15 3.59
N PHE B 394 16.52 -28.21 4.10
CA PHE B 394 17.59 -27.21 3.83
C PHE B 394 18.73 -27.83 3.03
N GLY B 395 18.47 -28.98 2.39
CA GLY B 395 19.47 -29.70 1.60
C GLY B 395 20.52 -30.37 2.46
N ASN B 396 21.77 -30.43 1.98
CA ASN B 396 22.76 -31.40 2.51
C ASN B 396 24.17 -30.84 2.55
N GLY B 397 24.87 -31.15 3.65
CA GLY B 397 26.33 -31.02 3.78
C GLY B 397 26.78 -29.57 3.62
N GLN B 398 27.93 -29.36 2.98
CA GLN B 398 28.52 -28.01 2.83
C GLN B 398 27.65 -27.15 1.89
N ARG B 399 26.77 -27.77 1.09
CA ARG B 399 25.85 -27.04 0.19
C ARG B 399 24.46 -26.90 0.81
N ALA B 400 24.32 -27.12 2.13
CA ALA B 400 23.03 -26.89 2.82
C ALA B 400 22.74 -25.37 2.86
N CYS B 401 21.48 -25.00 3.03
CA CYS B 401 21.04 -23.59 3.03
C CYS B 401 21.87 -22.74 4.00
N ILE B 402 22.52 -21.69 3.51
CA ILE B 402 23.25 -20.75 4.41
C ILE B 402 22.23 -19.88 5.19
N GLY B 403 21.01 -19.72 4.68
CA GLY B 403 20.01 -18.84 5.31
C GLY B 403 19.09 -19.57 6.27
N GLN B 404 19.43 -20.80 6.66
CA GLN B 404 18.53 -21.64 7.50
C GLN B 404 18.18 -20.91 8.79
N GLN B 405 19.20 -20.43 9.51
CA GLN B 405 19.00 -19.72 10.81
C GLN B 405 18.17 -18.44 10.60
N PHE B 406 18.54 -17.66 9.60
CA PHE B 406 17.86 -16.41 9.19
C PHE B 406 16.37 -16.69 8.99
N ALA B 407 16.05 -17.63 8.09
CA ALA B 407 14.66 -17.92 7.71
C ALA B 407 13.86 -18.41 8.92
N LEU B 408 14.43 -19.29 9.73
CA LEU B 408 13.69 -19.86 10.88
C LEU B 408 13.53 -18.78 11.96
N HIS B 409 14.49 -17.89 12.14
CA HIS B 409 14.33 -16.73 13.06
C HIS B 409 13.19 -15.84 12.56
N GLU B 410 13.22 -15.42 11.29
CA GLU B 410 12.14 -14.58 10.70
C GLU B 410 10.78 -15.27 10.90
N ALA B 411 10.66 -16.53 10.48
CA ALA B 411 9.37 -17.26 10.50
C ALA B 411 8.89 -17.44 11.94
N THR B 412 9.79 -17.72 12.88
CA THR B 412 9.42 -17.88 14.31
C THR B 412 8.90 -16.53 14.86
N LEU B 413 9.62 -15.43 14.60
CA LEU B 413 9.25 -14.05 15.04
C LEU B 413 7.86 -13.73 14.50
N VAL B 414 7.66 -13.92 13.20
CA VAL B 414 6.41 -13.52 12.52
C VAL B 414 5.25 -14.38 13.02
N LEU B 415 5.42 -15.72 13.03
CA LEU B 415 4.34 -16.64 13.49
C LEU B 415 4.02 -16.35 14.97
N GLY B 416 5.03 -16.10 15.79
CA GLY B 416 4.85 -15.73 17.21
C GLY B 416 3.99 -14.49 17.36
N MET B 417 4.32 -13.43 16.63
CA MET B 417 3.56 -12.15 16.66
C MET B 417 2.14 -12.39 16.15
N MET B 418 1.96 -13.17 15.09
CA MET B 418 0.61 -13.46 14.55
C MET B 418 -0.24 -14.11 15.64
N LEU B 419 0.33 -15.10 16.34
CA LEU B 419 -0.39 -15.91 17.34
C LEU B 419 -0.63 -15.08 18.61
N LYS B 420 0.26 -14.15 18.91
CA LYS B 420 0.05 -13.24 20.07
C LYS B 420 -1.15 -12.31 19.80
N HIS B 421 -1.26 -11.79 18.57
CA HIS B 421 -2.07 -10.59 18.25
C HIS B 421 -3.47 -10.96 17.73
N PHE B 422 -3.65 -12.16 17.18
CA PHE B 422 -4.90 -12.53 16.47
C PHE B 422 -5.32 -13.97 16.78
N ASP B 423 -6.64 -14.17 16.83
CA ASP B 423 -7.31 -15.47 16.61
C ASP B 423 -7.56 -15.59 15.10
N PHE B 424 -7.52 -16.80 14.55
CA PHE B 424 -7.69 -17.04 13.09
C PHE B 424 -8.90 -17.93 12.85
N GLU B 425 -9.60 -17.66 11.75
CA GLU B 425 -10.77 -18.45 11.30
C GLU B 425 -10.55 -18.88 9.86
N ASP B 426 -10.68 -20.19 9.64
CA ASP B 426 -10.69 -20.81 8.28
C ASP B 426 -12.11 -20.65 7.74
N HIS B 427 -12.50 -19.42 7.41
CA HIS B 427 -13.92 -19.06 7.17
C HIS B 427 -14.43 -19.69 5.87
N THR B 428 -13.56 -20.11 4.94
CA THR B 428 -13.97 -20.72 3.65
C THR B 428 -13.81 -22.25 3.67
N ASN B 429 -13.35 -22.83 4.77
CA ASN B 429 -12.99 -24.27 4.82
C ASN B 429 -12.06 -24.55 3.62
N TYR B 430 -10.95 -23.83 3.56
CA TYR B 430 -10.03 -23.79 2.41
C TYR B 430 -9.51 -25.20 2.08
N GLU B 431 -9.60 -25.55 0.79
CA GLU B 431 -9.06 -26.82 0.24
C GLU B 431 -7.65 -26.52 -0.31
N LEU B 432 -6.63 -27.17 0.24
CA LEU B 432 -5.22 -26.87 -0.10
C LEU B 432 -5.01 -27.00 -1.62
N ASP B 433 -4.49 -25.94 -2.22
CA ASP B 433 -4.10 -25.85 -3.64
C ASP B 433 -2.67 -25.30 -3.68
N ILE B 434 -1.72 -26.02 -4.25
CA ILE B 434 -0.28 -25.64 -4.15
C ILE B 434 0.18 -25.10 -5.50
N LYS B 435 0.57 -23.84 -5.50
CA LYS B 435 1.15 -23.17 -6.70
C LYS B 435 2.64 -23.49 -6.71
N GLU B 436 3.18 -23.75 -7.89
CA GLU B 436 4.63 -24.07 -8.06
C GLU B 436 5.28 -22.97 -8.88
N THR B 437 6.38 -22.43 -8.39
CA THR B 437 7.31 -21.56 -9.17
C THR B 437 8.67 -22.25 -9.06
N LEU B 438 9.70 -21.61 -8.53
CA LEU B 438 10.87 -22.41 -8.06
C LEU B 438 10.39 -23.26 -6.86
N THR B 439 9.50 -22.69 -6.07
CA THR B 439 9.11 -23.22 -4.74
C THR B 439 7.62 -23.54 -4.74
N LEU B 440 7.18 -24.08 -3.61
CA LEU B 440 5.79 -24.48 -3.36
C LEU B 440 5.17 -23.44 -2.42
N LYS B 441 3.96 -23.00 -2.70
CA LYS B 441 3.21 -22.10 -1.81
C LYS B 441 1.73 -22.45 -1.96
N PRO B 442 0.94 -22.34 -0.87
CA PRO B 442 -0.51 -22.40 -1.00
C PRO B 442 -0.99 -21.30 -1.96
N GLU B 443 -1.99 -21.61 -2.78
CA GLU B 443 -2.66 -20.63 -3.67
C GLU B 443 -4.10 -20.45 -3.20
N GLY B 444 -4.57 -19.21 -3.10
CA GLY B 444 -5.98 -18.91 -2.77
C GLY B 444 -6.29 -19.09 -1.30
N PHE B 445 -5.29 -19.24 -0.44
CA PHE B 445 -5.49 -19.45 1.01
C PHE B 445 -5.87 -18.10 1.63
N VAL B 446 -7.08 -18.06 2.17
CA VAL B 446 -7.64 -16.86 2.86
C VAL B 446 -8.07 -17.28 4.26
N VAL B 447 -7.97 -16.36 5.22
CA VAL B 447 -8.47 -16.53 6.60
C VAL B 447 -9.05 -15.19 7.04
N LYS B 448 -9.80 -15.21 8.14
CA LYS B 448 -10.18 -14.00 8.89
C LYS B 448 -9.37 -14.02 10.18
N ALA B 449 -8.90 -12.86 10.59
CA ALA B 449 -8.23 -12.65 11.87
C ALA B 449 -9.17 -11.84 12.78
N LYS B 450 -9.28 -12.23 14.04
CA LYS B 450 -9.96 -11.43 15.08
C LYS B 450 -8.88 -10.94 16.02
N SER B 451 -8.73 -9.64 16.11
CA SER B 451 -7.69 -9.00 16.95
C SER B 451 -7.93 -9.38 18.41
N LYS B 452 -6.88 -9.74 19.12
CA LYS B 452 -6.90 -9.85 20.61
C LYS B 452 -6.70 -8.45 21.20
N LYS B 453 -6.55 -7.41 20.36
CA LYS B 453 -6.50 -5.98 20.77
C LYS B 453 -5.33 -5.77 21.74
N ILE B 454 -4.17 -6.34 21.43
CA ILE B 454 -2.93 -6.17 22.26
C ILE B 454 -2.08 -5.13 21.55
N PRO B 455 -1.78 -3.98 22.20
CA PRO B 455 -1.07 -2.90 21.53
C PRO B 455 0.36 -3.31 21.17
N LEU B 456 0.87 -2.71 20.10
CA LEU B 456 2.30 -2.68 19.71
C LEU B 456 2.97 -1.45 20.34
O36 MI9 C . -24.49 23.95 4.42
C34 MI9 C . -24.04 23.29 5.38
O35 MI9 C . -24.83 22.95 6.30
C33 MI9 C . -22.58 22.83 5.37
C32 MI9 C . -22.25 22.07 4.05
C27 MI9 C . -20.82 21.60 4.14
C28 MI9 C . -19.66 22.27 3.69
N24 MI9 C . -18.51 21.58 3.89
C29 MI9 C . -19.68 23.58 3.05
C30 MI9 C . -18.53 24.36 2.54
C08 MI9 C . -18.65 25.62 1.87
C09 MI9 C . -19.93 26.40 1.54
C10 MI9 C . -20.42 25.95 0.17
C11 MI9 C . -21.64 26.72 -0.39
O13 MI9 C . -22.19 26.26 -1.43
O12 MI9 C . -22.04 27.73 0.25
C06 MI9 C . -17.35 25.95 1.55
C07 MI9 C . -16.85 27.16 0.82
N31 MI9 C . -17.29 23.89 2.65
C05 MI9 C . -16.56 24.90 2.08
C04 MI9 C . -15.08 24.85 1.97
C25 MI9 C . -20.35 20.43 4.67
C26 MI9 C . -21.15 19.29 5.29
C23 MI9 C . -18.97 20.46 4.51
C22 MI9 C . -18.03 19.44 4.95
C21 MI9 C . -16.57 19.49 5.04
C20 MI9 C . -15.83 18.55 5.78
C38 MI9 C . -16.29 17.27 6.49
C39 MI9 C . -16.32 17.56 7.92
C18 MI9 C . -14.54 18.98 5.66
C19 MI9 C . -13.27 18.37 6.25
N37 MI9 C . -15.84 20.50 4.56
C17 MI9 C . -14.62 20.15 4.86
C16 MI9 C . -13.47 21.00 4.50
C15 MI9 C . -13.44 22.23 3.71
N14 MI9 C . -14.56 22.78 3.25
C03 MI9 C . -14.16 23.89 2.62
C40 MI9 C . -12.29 22.94 3.33
C41 MI9 C . -10.85 22.52 3.61
C42 MI9 C . -10.15 23.39 4.59
C02 MI9 C . -12.77 24.02 2.64
C01 MI9 C . -11.98 25.13 2.00
MO MI9 C . -16.55 22.04 3.31
O MI9 C . -16.50 21.17 1.80
O9 EWM D . -20.05 26.36 -8.60
C8 EWM D . -18.87 26.12 -8.51
N7 EWM D . -18.09 26.07 -9.62
C1 EWM D . -18.66 26.31 -10.93
C5 EWM D . -18.93 27.76 -11.34
C4 EWM D . -18.88 27.63 -12.87
OAP EWM D . -17.86 26.65 -13.09
C2 EWM D . -17.72 25.83 -12.03
O6 EWM D . -16.97 24.88 -11.99
C10 EWM D . -18.14 25.81 -7.23
C11 EWM D . -18.70 24.52 -6.68
C13 EWM D . -17.92 23.99 -5.46
C14 EWM D . -18.53 22.69 -5.02
C15 EWM D . -17.61 21.75 -4.26
C16 EWM D . -18.45 20.53 -3.91
C17 EWM D . -17.58 19.36 -3.43
C18 EWM D . -18.28 18.51 -2.37
C19 EWM D . -19.70 18.12 -2.75
C20 EWM D . -20.47 17.57 -1.56
C21 EWM D . -20.99 16.18 -1.83
C1 GOL E . 5.47 31.71 17.94
O1 GOL E . 4.60 32.61 18.59
C2 GOL E . 4.72 30.60 17.23
O2 GOL E . 5.67 29.78 16.54
C3 GOL E . 3.90 29.76 18.17
O3 GOL E . 4.71 29.03 19.08
C1 GOL F . 13.59 33.12 7.71
O1 GOL F . 12.82 31.93 7.87
C2 GOL F . 14.87 32.90 6.92
O2 GOL F . 14.87 31.62 6.26
C3 GOL F . 16.10 33.06 7.80
O3 GOL F . 17.29 32.62 7.15
O36 MI9 G . 25.22 -23.63 -1.53
C34 MI9 G . 25.26 -22.71 -0.71
O35 MI9 G . 26.37 -22.16 -0.46
C33 MI9 G . 23.93 -22.11 -0.17
C32 MI9 G . 22.93 -21.76 -1.32
C27 MI9 G . 21.73 -21.17 -0.62
C28 MI9 G . 20.53 -21.78 -0.22
N24 MI9 G . 19.63 -20.96 0.36
C29 MI9 G . 20.32 -23.21 -0.38
C30 MI9 G . 19.10 -24.00 -0.05
C08 MI9 G . 18.95 -25.38 -0.35
C09 MI9 G . 19.93 -26.33 -1.00
C10 MI9 G . 19.65 -26.23 -2.51
C11 MI9 G . 20.46 -27.24 -3.36
O13 MI9 G . 21.04 -28.18 -2.81
O12 MI9 G . 20.31 -27.16 -4.59
C06 MI9 G . 17.68 -25.67 0.11
C07 MI9 G . 16.95 -27.00 0.08
N31 MI9 G . 18.06 -23.39 0.51
C05 MI9 G . 17.22 -24.45 0.66
C04 MI9 G . 15.89 -24.29 1.30
C25 MI9 G . 21.52 -19.84 -0.30
C26 MI9 G . 22.49 -18.71 -0.55
C23 MI9 G . 20.27 -19.76 0.29
C22 MI9 G . 19.69 -18.54 0.89
C21 MI9 G . 18.45 -18.44 1.67
C20 MI9 G . 18.04 -17.23 2.28
C38 MI9 G . 18.69 -15.84 2.19
C39 MI9 G . 19.50 -15.50 3.35
C18 MI9 G . 16.87 -17.57 2.93
C19 MI9 G . 15.95 -16.67 3.69
N37 MI9 G . 17.65 -19.49 1.92
C17 MI9 G . 16.67 -18.94 2.61
C16 MI9 G . 15.55 -19.78 3.07
C15 MI9 G . 15.20 -21.17 2.83
N14 MI9 G . 15.96 -21.96 2.06
C03 MI9 G . 15.35 -23.14 2.06
C40 MI9 G . 14.05 -21.86 3.33
C41 MI9 G . 12.92 -21.25 4.18
C42 MI9 G . 12.90 -21.74 5.57
C02 MI9 G . 14.15 -23.13 2.81
C01 MI9 G . 13.22 -24.27 3.03
MO MI9 G . 17.67 -21.38 0.96
O MI9 G . 16.86 -20.94 -0.45
O9 EWM H . 14.92 -28.38 -9.48
C8 EWM H . 13.88 -28.15 -8.91
N7 EWM H . 12.65 -28.53 -9.38
C1 EWM H . 12.41 -29.24 -10.58
C5 EWM H . 12.34 -30.76 -10.41
C4 EWM H . 11.58 -31.13 -11.67
OAP EWM H . 10.67 -30.05 -11.89
C2 EWM H . 11.00 -29.02 -11.12
O6 EWM H . 10.27 -28.10 -10.88
C10 EWM H . 13.77 -27.46 -7.58
C11 EWM H . 14.60 -26.19 -7.47
C13 EWM H . 14.45 -25.72 -6.03
C14 EWM H . 15.10 -24.40 -5.71
C15 EWM H . 14.24 -23.61 -4.73
C16 EWM H . 15.03 -22.60 -3.89
C17 EWM H . 15.18 -21.24 -4.55
C18 EWM H . 16.03 -20.29 -3.70
C19 EWM H . 17.03 -19.38 -4.43
C20 EWM H . 17.18 -19.61 -5.94
C21 EWM H . 18.29 -18.73 -6.52
C1 GOL I . -8.44 -8.13 12.21
O1 GOL I . -8.14 -8.44 10.84
C2 GOL I . -9.36 -6.92 12.35
O2 GOL I . -10.60 -7.15 11.67
C3 GOL I . -9.62 -6.54 13.79
O3 GOL I . -10.16 -7.61 14.56
#